data_2LBB
#
_entry.id   2LBB
#
_entity_poly.entity_id   1
_entity_poly.type   'polypeptide(L)'
_entity_poly.pdbx_seq_one_letter_code
;MAHHHHHHMSADDFDAAVKYVSNTTTMMASNDDKLCFYKYYKQATVGDCNKPKPGMLQLQEKYKWEAWNALRGMSTESAK
EAYVKLLDTLAPSWRN
;
_entity_poly.pdbx_strand_id   A
#
# COMPACT_ATOMS: atom_id res chain seq x y z
N MET A 9 -15.11 2.89 -11.12
CA MET A 9 -14.49 2.43 -9.89
C MET A 9 -12.97 2.41 -10.02
N SER A 10 -12.28 2.56 -8.89
CA SER A 10 -10.82 2.57 -8.88
C SER A 10 -10.27 1.27 -8.30
N ALA A 11 -11.10 0.23 -8.30
CA ALA A 11 -10.70 -1.07 -7.78
C ALA A 11 -10.16 -1.97 -8.89
N ASP A 12 -10.55 -1.67 -10.12
CA ASP A 12 -10.11 -2.44 -11.28
C ASP A 12 -8.88 -1.80 -11.92
N ASP A 13 -8.75 -0.50 -11.76
CA ASP A 13 -7.63 0.24 -12.32
C ASP A 13 -6.37 0.06 -11.46
N PHE A 14 -6.53 -0.62 -10.33
CA PHE A 14 -5.43 -0.86 -9.42
C PHE A 14 -4.25 -1.50 -10.16
N ASP A 15 -4.55 -2.26 -11.21
CA ASP A 15 -3.52 -2.92 -11.99
C ASP A 15 -2.48 -1.91 -12.48
N ALA A 16 -2.95 -0.89 -13.19
CA ALA A 16 -2.05 0.14 -13.71
C ALA A 16 -1.36 0.89 -12.58
N ALA A 17 -1.90 0.77 -11.36
CA ALA A 17 -1.33 1.42 -10.21
C ALA A 17 -0.15 0.64 -9.64
N VAL A 18 -0.36 -0.66 -9.42
CA VAL A 18 0.69 -1.51 -8.88
C VAL A 18 1.87 -1.61 -9.85
N LYS A 19 1.58 -1.53 -11.14
CA LYS A 19 2.62 -1.60 -12.17
C LYS A 19 3.44 -0.31 -12.21
N TYR A 20 2.81 0.79 -11.81
CA TYR A 20 3.47 2.09 -11.80
C TYR A 20 4.32 2.26 -10.55
N VAL A 21 3.94 1.55 -9.49
CA VAL A 21 4.67 1.62 -8.22
C VAL A 21 5.71 0.51 -8.13
N SER A 22 5.42 -0.62 -8.78
CA SER A 22 6.33 -1.75 -8.76
C SER A 22 7.46 -1.57 -9.78
N ASN A 23 7.15 -0.88 -10.87
CA ASN A 23 8.13 -0.63 -11.92
C ASN A 23 8.80 0.72 -11.73
N THR A 24 8.00 1.74 -11.42
CA THR A 24 8.51 3.08 -11.22
C THR A 24 8.48 3.46 -9.74
N THR A 25 9.66 3.73 -9.18
CA THR A 25 9.77 4.11 -7.78
C THR A 25 10.70 5.30 -7.60
N THR A 26 11.12 5.90 -8.71
CA THR A 26 12.01 7.04 -8.68
C THR A 26 11.24 8.34 -8.44
N MET A 27 9.91 8.26 -8.52
CA MET A 27 9.06 9.42 -8.32
C MET A 27 9.22 9.96 -6.91
N MET A 28 8.97 11.25 -6.74
CA MET A 28 9.08 11.90 -5.44
C MET A 28 8.11 11.28 -4.44
N ALA A 29 8.62 10.36 -3.62
CA ALA A 29 7.80 9.70 -2.61
C ALA A 29 8.40 9.85 -1.22
N SER A 30 7.53 9.92 -0.21
CA SER A 30 7.98 10.08 1.16
C SER A 30 8.36 8.73 1.76
N ASN A 31 8.61 8.73 3.07
CA ASN A 31 8.98 7.50 3.77
C ASN A 31 7.75 6.80 4.33
N ASP A 32 6.70 7.58 4.58
CA ASP A 32 5.46 7.02 5.12
C ASP A 32 4.49 6.67 3.99
N ASP A 33 4.65 7.33 2.84
CA ASP A 33 3.79 7.09 1.69
C ASP A 33 4.10 5.73 1.06
N LYS A 34 5.38 5.38 1.03
CA LYS A 34 5.81 4.10 0.46
C LYS A 34 5.29 2.93 1.29
N LEU A 35 4.81 3.22 2.50
CA LEU A 35 4.30 2.19 3.39
C LEU A 35 2.79 2.04 3.21
N CYS A 36 2.19 2.95 2.46
CA CYS A 36 0.75 2.92 2.22
C CYS A 36 0.41 1.92 1.11
N PHE A 37 1.12 2.02 -0.01
CA PHE A 37 0.89 1.13 -1.14
C PHE A 37 1.31 -0.30 -0.79
N TYR A 38 2.03 -0.45 0.31
CA TYR A 38 2.50 -1.76 0.75
C TYR A 38 1.42 -2.48 1.56
N LYS A 39 0.68 -1.72 2.36
CA LYS A 39 -0.38 -2.28 3.17
C LYS A 39 -1.64 -2.52 2.35
N TYR A 40 -1.74 -1.83 1.22
CA TYR A 40 -2.89 -1.97 0.34
C TYR A 40 -2.81 -3.26 -0.47
N TYR A 41 -1.62 -3.56 -0.98
CA TYR A 41 -1.41 -4.76 -1.77
C TYR A 41 -1.64 -6.01 -0.92
N LYS A 42 -1.47 -5.87 0.39
CA LYS A 42 -1.66 -6.98 1.31
C LYS A 42 -3.13 -7.13 1.69
N GLN A 43 -3.78 -6.00 1.94
CA GLN A 43 -5.20 -6.00 2.31
C GLN A 43 -6.08 -6.34 1.12
N ALA A 44 -5.63 -5.95 -0.07
CA ALA A 44 -6.38 -6.22 -1.29
C ALA A 44 -6.11 -7.63 -1.79
N THR A 45 -5.29 -8.37 -1.06
CA THR A 45 -4.96 -9.74 -1.44
C THR A 45 -5.40 -10.72 -0.37
N VAL A 46 -4.98 -10.47 0.87
CA VAL A 46 -5.34 -11.33 1.99
C VAL A 46 -6.60 -10.83 2.69
N GLY A 47 -6.50 -9.64 3.28
CA GLY A 47 -7.63 -9.07 3.97
C GLY A 47 -7.23 -8.41 5.28
N ASP A 48 -6.39 -9.09 6.05
CA ASP A 48 -5.93 -8.57 7.34
C ASP A 48 -4.55 -9.11 7.68
N CYS A 49 -3.89 -8.47 8.63
CA CYS A 49 -2.55 -8.89 9.05
C CYS A 49 -2.62 -10.07 10.00
N ASN A 50 -1.76 -11.06 9.77
CA ASN A 50 -1.73 -12.25 10.61
C ASN A 50 -0.32 -12.84 10.66
N LYS A 51 0.68 -11.97 10.79
CA LYS A 51 2.07 -12.39 10.85
C LYS A 51 2.67 -12.09 12.22
N PRO A 52 3.73 -12.83 12.58
CA PRO A 52 4.42 -12.65 13.87
C PRO A 52 5.20 -11.33 13.93
N LYS A 53 5.37 -10.80 15.13
CA LYS A 53 6.09 -9.56 15.33
C LYS A 53 7.48 -9.63 14.70
N PRO A 54 7.88 -8.56 14.00
CA PRO A 54 9.18 -8.49 13.34
C PRO A 54 10.33 -8.37 14.34
N GLY A 55 11.50 -7.99 13.85
CA GLY A 55 12.66 -7.85 14.71
C GLY A 55 12.41 -6.90 15.86
N MET A 56 13.44 -6.67 16.67
CA MET A 56 13.32 -5.77 17.82
C MET A 56 14.40 -4.69 17.78
N LEU A 57 15.04 -4.55 16.62
CA LEU A 57 16.09 -3.54 16.45
C LEU A 57 15.79 -2.63 15.27
N GLN A 58 14.69 -2.91 14.58
CA GLN A 58 14.29 -2.11 13.43
C GLN A 58 13.06 -1.27 13.76
N LEU A 59 13.01 -0.06 13.20
CA LEU A 59 11.89 0.85 13.42
C LEU A 59 10.84 0.70 12.33
N GLN A 60 11.28 0.77 11.08
CA GLN A 60 10.38 0.63 9.95
C GLN A 60 9.47 -0.58 10.10
N GLU A 61 10.04 -1.69 10.56
CA GLU A 61 9.27 -2.91 10.76
C GLU A 61 7.98 -2.63 11.53
N LYS A 62 8.09 -1.84 12.58
CA LYS A 62 6.94 -1.49 13.41
C LYS A 62 5.88 -0.77 12.57
N TYR A 63 6.33 0.11 11.70
CA TYR A 63 5.42 0.88 10.85
C TYR A 63 4.77 -0.03 9.81
N LYS A 64 5.50 -1.05 9.38
CA LYS A 64 5.00 -2.00 8.39
C LYS A 64 4.12 -3.07 9.05
N TRP A 65 4.33 -3.28 10.34
CA TRP A 65 3.57 -4.27 11.09
C TRP A 65 2.32 -3.65 11.70
N GLU A 66 2.41 -2.36 12.04
CA GLU A 66 1.28 -1.66 12.63
C GLU A 66 0.28 -1.23 11.57
N ALA A 67 0.79 -0.83 10.41
CA ALA A 67 -0.07 -0.40 9.30
C ALA A 67 -0.91 -1.56 8.79
N TRP A 68 -0.25 -2.64 8.42
CA TRP A 68 -0.94 -3.82 7.90
C TRP A 68 -1.95 -4.35 8.91
N ASN A 69 -1.68 -4.13 10.20
CA ASN A 69 -2.56 -4.58 11.26
C ASN A 69 -3.63 -3.52 11.56
N ALA A 70 -3.38 -2.30 11.11
CA ALA A 70 -4.32 -1.20 11.33
C ALA A 70 -5.56 -1.36 10.45
N LEU A 71 -5.36 -1.85 9.23
CA LEU A 71 -6.46 -2.04 8.30
C LEU A 71 -6.95 -3.49 8.33
N ARG A 72 -6.67 -4.18 9.43
CA ARG A 72 -7.08 -5.56 9.58
C ARG A 72 -8.59 -5.71 9.42
N GLY A 73 -9.01 -6.48 8.43
CA GLY A 73 -10.43 -6.67 8.18
C GLY A 73 -10.90 -5.99 6.91
N MET A 74 -10.08 -5.09 6.38
CA MET A 74 -10.42 -4.37 5.17
C MET A 74 -10.78 -5.33 4.04
N SER A 75 -11.59 -4.87 3.10
CA SER A 75 -12.01 -5.69 1.97
C SER A 75 -11.02 -5.58 0.82
N THR A 76 -11.29 -6.31 -0.26
CA THR A 76 -10.43 -6.30 -1.43
C THR A 76 -10.56 -5.00 -2.20
N GLU A 77 -11.80 -4.58 -2.43
CA GLU A 77 -12.07 -3.34 -3.16
C GLU A 77 -11.70 -2.12 -2.31
N SER A 78 -11.77 -2.29 -0.99
CA SER A 78 -11.45 -1.20 -0.08
C SER A 78 -9.99 -0.78 -0.20
N ALA A 79 -9.10 -1.78 -0.24
CA ALA A 79 -7.68 -1.52 -0.36
C ALA A 79 -7.34 -0.96 -1.74
N LYS A 80 -7.80 -1.66 -2.78
CA LYS A 80 -7.54 -1.22 -4.15
C LYS A 80 -8.02 0.20 -4.38
N GLU A 81 -9.08 0.59 -3.67
CA GLU A 81 -9.64 1.93 -3.79
C GLU A 81 -8.70 2.97 -3.19
N ALA A 82 -7.84 2.52 -2.28
CA ALA A 82 -6.88 3.41 -1.63
C ALA A 82 -5.59 3.50 -2.43
N TYR A 83 -5.30 2.46 -3.21
CA TYR A 83 -4.09 2.42 -4.02
C TYR A 83 -4.16 3.43 -5.16
N VAL A 84 -5.38 3.82 -5.53
CA VAL A 84 -5.59 4.78 -6.60
C VAL A 84 -5.58 6.21 -6.06
N LYS A 85 -6.14 6.39 -4.87
CA LYS A 85 -6.21 7.70 -4.24
C LYS A 85 -4.88 8.05 -3.57
N LEU A 86 -4.18 7.03 -3.09
CA LEU A 86 -2.89 7.23 -2.43
C LEU A 86 -1.78 7.41 -3.45
N LEU A 87 -1.75 6.54 -4.46
CA LEU A 87 -0.74 6.61 -5.51
C LEU A 87 -0.69 8.00 -6.13
N ASP A 88 -1.79 8.73 -6.03
CA ASP A 88 -1.88 10.08 -6.57
C ASP A 88 -0.85 10.99 -5.91
N THR A 89 -0.46 10.66 -4.69
CA THR A 89 0.51 11.45 -3.95
C THR A 89 1.93 11.11 -4.38
N LEU A 90 2.12 9.90 -4.88
CA LEU A 90 3.43 9.46 -5.33
C LEU A 90 3.66 9.81 -6.79
N ALA A 91 2.75 9.34 -7.66
CA ALA A 91 2.84 9.61 -9.08
C ALA A 91 1.47 9.83 -9.69
N PRO A 92 0.93 11.05 -9.54
CA PRO A 92 -0.39 11.41 -10.06
C PRO A 92 -0.39 11.48 -11.59
N SER A 93 0.78 11.35 -12.20
CA SER A 93 0.91 11.41 -13.64
C SER A 93 0.38 10.12 -14.29
N TRP A 94 0.00 9.16 -13.46
CA TRP A 94 -0.50 7.89 -13.94
C TRP A 94 -2.00 7.99 -14.26
N ARG A 95 -2.69 8.89 -13.56
CA ARG A 95 -4.12 9.08 -13.78
C ARG A 95 -4.37 10.12 -14.87
N ASN A 96 -3.39 10.99 -15.08
CA ASN A 96 -3.51 12.04 -16.10
C ASN A 96 -2.29 12.05 -17.01
N MET A 9 -14.03 0.48 -12.40
CA MET A 9 -13.84 1.19 -11.14
C MET A 9 -12.37 1.19 -10.72
N SER A 10 -12.01 2.10 -9.83
CA SER A 10 -10.63 2.20 -9.34
C SER A 10 -10.17 0.87 -8.75
N ALA A 11 -11.12 0.08 -8.28
CA ALA A 11 -10.81 -1.22 -7.69
C ALA A 11 -10.28 -2.18 -8.74
N ASP A 12 -10.69 -1.98 -9.99
CA ASP A 12 -10.25 -2.83 -11.09
C ASP A 12 -9.03 -2.24 -11.78
N ASP A 13 -8.88 -0.92 -11.68
CA ASP A 13 -7.75 -0.23 -12.30
C ASP A 13 -6.50 -0.32 -11.41
N PHE A 14 -6.66 -0.92 -10.24
CA PHE A 14 -5.55 -1.08 -9.31
C PHE A 14 -4.36 -1.73 -10.00
N ASP A 15 -4.63 -2.57 -10.99
CA ASP A 15 -3.58 -3.25 -11.73
C ASP A 15 -2.55 -2.26 -12.26
N ALA A 16 -3.03 -1.17 -12.84
CA ALA A 16 -2.15 -0.14 -13.40
C ALA A 16 -1.45 0.62 -12.28
N ALA A 17 -2.01 0.55 -11.07
CA ALA A 17 -1.42 1.23 -9.93
C ALA A 17 -0.26 0.45 -9.35
N VAL A 18 -0.47 -0.84 -9.11
CA VAL A 18 0.57 -1.70 -8.57
C VAL A 18 1.76 -1.80 -9.51
N LYS A 19 1.48 -1.72 -10.81
CA LYS A 19 2.52 -1.81 -11.83
C LYS A 19 3.33 -0.51 -11.89
N TYR A 20 2.64 0.61 -11.71
CA TYR A 20 3.29 1.91 -11.76
C TYR A 20 4.17 2.12 -10.53
N VAL A 21 3.84 1.42 -9.44
CA VAL A 21 4.59 1.53 -8.21
C VAL A 21 5.66 0.44 -8.12
N SER A 22 5.32 -0.74 -8.62
CA SER A 22 6.26 -1.87 -8.60
C SER A 22 7.35 -1.69 -9.64
N ASN A 23 6.97 -1.17 -10.80
CA ASN A 23 7.92 -0.94 -11.88
C ASN A 23 8.62 0.40 -11.72
N THR A 24 7.94 1.34 -11.07
CA THR A 24 8.51 2.67 -10.85
C THR A 24 8.36 3.09 -9.39
N THR A 25 9.49 3.32 -8.72
CA THR A 25 9.48 3.72 -7.32
C THR A 25 10.45 4.87 -7.08
N THR A 26 11.02 5.39 -8.16
CA THR A 26 11.98 6.49 -8.06
C THR A 26 11.26 7.83 -7.94
N MET A 27 9.96 7.84 -8.20
CA MET A 27 9.16 9.05 -8.12
C MET A 27 9.23 9.66 -6.72
N MET A 28 8.86 10.92 -6.61
CA MET A 28 8.88 11.61 -5.32
C MET A 28 7.91 10.97 -4.34
N ALA A 29 8.44 10.10 -3.47
CA ALA A 29 7.63 9.43 -2.47
C ALA A 29 8.13 9.71 -1.06
N SER A 30 7.22 9.70 -0.10
CA SER A 30 7.56 9.96 1.29
C SER A 30 7.70 8.66 2.07
N ASN A 31 8.47 8.71 3.16
CA ASN A 31 8.68 7.53 3.98
C ASN A 31 7.36 7.02 4.56
N ASP A 32 6.36 7.88 4.59
CA ASP A 32 5.05 7.52 5.10
C ASP A 32 4.12 7.08 3.97
N ASP A 33 4.35 7.63 2.78
CA ASP A 33 3.53 7.29 1.63
C ASP A 33 3.90 5.91 1.09
N LYS A 34 5.19 5.60 1.11
CA LYS A 34 5.67 4.31 0.63
C LYS A 34 5.16 3.17 1.50
N LEU A 35 4.64 3.51 2.67
CA LEU A 35 4.11 2.52 3.60
C LEU A 35 2.62 2.30 3.38
N CYS A 36 2.02 3.16 2.56
CA CYS A 36 0.60 3.06 2.26
C CYS A 36 0.34 2.05 1.15
N PHE A 37 1.06 2.20 0.04
CA PHE A 37 0.91 1.31 -1.10
C PHE A 37 1.39 -0.10 -0.76
N TYR A 38 2.10 -0.21 0.36
CA TYR A 38 2.63 -1.50 0.80
C TYR A 38 1.56 -2.29 1.55
N LYS A 39 0.73 -1.59 2.31
CA LYS A 39 -0.33 -2.22 3.08
C LYS A 39 -1.56 -2.46 2.21
N TYR A 40 -1.71 -1.66 1.16
CA TYR A 40 -2.83 -1.80 0.25
C TYR A 40 -2.72 -3.07 -0.59
N TYR A 41 -1.51 -3.37 -1.04
CA TYR A 41 -1.26 -4.56 -1.84
C TYR A 41 -1.44 -5.82 -1.02
N LYS A 42 -1.32 -5.69 0.29
CA LYS A 42 -1.47 -6.82 1.20
C LYS A 42 -2.94 -7.03 1.56
N GLN A 43 -3.65 -5.93 1.78
CA GLN A 43 -5.07 -6.01 2.12
C GLN A 43 -5.92 -6.28 0.88
N ALA A 44 -5.47 -5.79 -0.26
CA ALA A 44 -6.19 -5.98 -1.51
C ALA A 44 -5.89 -7.34 -2.11
N THR A 45 -4.92 -8.04 -1.53
CA THR A 45 -4.53 -9.37 -2.01
C THR A 45 -4.90 -10.44 -1.00
N VAL A 46 -4.45 -10.26 0.24
CA VAL A 46 -4.73 -11.21 1.31
C VAL A 46 -6.06 -10.91 1.98
N GLY A 47 -6.12 -9.78 2.67
CA GLY A 47 -7.34 -9.39 3.35
C GLY A 47 -7.08 -8.67 4.66
N ASP A 48 -6.25 -9.27 5.50
CA ASP A 48 -5.92 -8.68 6.80
C ASP A 48 -4.55 -9.15 7.27
N CYS A 49 -4.00 -8.47 8.27
CA CYS A 49 -2.71 -8.82 8.82
C CYS A 49 -2.82 -9.99 9.81
N ASN A 50 -1.85 -10.88 9.78
CA ASN A 50 -1.84 -12.04 10.66
C ASN A 50 -0.45 -12.66 10.75
N LYS A 51 0.57 -11.81 10.71
CA LYS A 51 1.96 -12.27 10.79
C LYS A 51 2.58 -11.91 12.13
N PRO A 52 3.61 -12.67 12.52
CA PRO A 52 4.32 -12.46 13.79
C PRO A 52 5.13 -11.17 13.79
N LYS A 53 5.33 -10.61 14.97
CA LYS A 53 6.10 -9.37 15.12
C LYS A 53 7.50 -9.53 14.53
N PRO A 54 7.95 -8.51 13.77
CA PRO A 54 9.28 -8.52 13.15
C PRO A 54 10.40 -8.37 14.18
N GLY A 55 11.59 -8.06 13.70
CA GLY A 55 12.74 -7.91 14.58
C GLY A 55 12.48 -6.90 15.67
N MET A 56 13.48 -6.67 16.53
CA MET A 56 13.36 -5.72 17.62
C MET A 56 14.43 -4.65 17.54
N LEU A 57 15.04 -4.52 16.36
CA LEU A 57 16.10 -3.53 16.15
C LEU A 57 15.77 -2.65 14.95
N GLN A 58 14.66 -2.94 14.29
CA GLN A 58 14.24 -2.16 13.13
C GLN A 58 13.12 -1.19 13.50
N LEU A 59 13.12 -0.02 12.87
CA LEU A 59 12.10 0.98 13.13
C LEU A 59 10.93 0.85 12.16
N GLN A 60 11.23 0.92 10.87
CA GLN A 60 10.20 0.80 9.84
C GLN A 60 9.37 -0.45 10.05
N GLU A 61 10.01 -1.52 10.51
CA GLU A 61 9.33 -2.79 10.75
C GLU A 61 8.07 -2.57 11.59
N LYS A 62 8.17 -1.66 12.56
CA LYS A 62 7.04 -1.37 13.44
C LYS A 62 5.92 -0.67 12.66
N TYR A 63 6.29 0.31 11.84
CA TYR A 63 5.32 1.05 11.05
C TYR A 63 4.68 0.15 10.00
N LYS A 64 5.47 -0.76 9.43
CA LYS A 64 4.98 -1.67 8.41
C LYS A 64 4.12 -2.77 9.03
N TRP A 65 4.36 -3.04 10.32
CA TRP A 65 3.60 -4.06 11.03
C TRP A 65 2.35 -3.46 11.68
N GLU A 66 2.40 -2.16 11.95
CA GLU A 66 1.27 -1.47 12.57
C GLU A 66 0.27 -1.02 11.52
N ALA A 67 0.77 -0.65 10.35
CA ALA A 67 -0.10 -0.20 9.26
C ALA A 67 -0.91 -1.36 8.70
N TRP A 68 -0.26 -2.49 8.46
CA TRP A 68 -0.93 -3.66 7.92
C TRP A 68 -1.96 -4.20 8.91
N ASN A 69 -1.74 -3.93 10.19
CA ASN A 69 -2.66 -4.38 11.23
C ASN A 69 -3.82 -3.40 11.40
N ALA A 70 -3.55 -2.12 11.13
CA ALA A 70 -4.56 -1.09 11.27
C ALA A 70 -5.67 -1.27 10.22
N LEU A 71 -5.33 -1.93 9.13
CA LEU A 71 -6.29 -2.17 8.05
C LEU A 71 -6.91 -3.56 8.18
N ARG A 72 -6.81 -4.14 9.37
CA ARG A 72 -7.35 -5.47 9.62
C ARG A 72 -8.88 -5.48 9.40
N GLY A 73 -9.35 -6.44 8.61
CA GLY A 73 -10.76 -6.55 8.34
C GLY A 73 -11.14 -5.90 7.02
N MET A 74 -10.29 -5.00 6.53
CA MET A 74 -10.54 -4.30 5.27
C MET A 74 -10.82 -5.31 4.15
N SER A 75 -11.55 -4.86 3.14
CA SER A 75 -11.90 -5.71 2.01
C SER A 75 -10.95 -5.47 0.84
N THR A 76 -11.08 -6.29 -0.21
CA THR A 76 -10.23 -6.16 -1.39
C THR A 76 -10.47 -4.83 -2.09
N GLU A 77 -11.73 -4.51 -2.32
CA GLU A 77 -12.10 -3.27 -3.00
C GLU A 77 -11.81 -2.06 -2.10
N SER A 78 -11.81 -2.30 -0.79
CA SER A 78 -11.56 -1.23 0.17
C SER A 78 -10.09 -0.83 0.16
N ALA A 79 -9.22 -1.76 -0.25
CA ALA A 79 -7.80 -1.50 -0.31
C ALA A 79 -7.40 -0.96 -1.68
N LYS A 80 -7.81 -1.67 -2.73
CA LYS A 80 -7.49 -1.26 -4.10
C LYS A 80 -7.85 0.20 -4.32
N GLU A 81 -9.03 0.60 -3.85
CA GLU A 81 -9.49 1.98 -4.00
C GLU A 81 -8.45 2.96 -3.47
N ALA A 82 -7.89 2.64 -2.31
CA ALA A 82 -6.88 3.51 -1.68
C ALA A 82 -5.59 3.50 -2.50
N TYR A 83 -5.44 2.50 -3.36
CA TYR A 83 -4.25 2.40 -4.19
C TYR A 83 -4.31 3.36 -5.37
N VAL A 84 -5.53 3.76 -5.73
CA VAL A 84 -5.73 4.69 -6.84
C VAL A 84 -5.76 6.13 -6.35
N LYS A 85 -6.13 6.32 -5.08
CA LYS A 85 -6.19 7.64 -4.50
C LYS A 85 -4.85 8.03 -3.87
N LEU A 86 -4.24 7.07 -3.17
CA LEU A 86 -2.96 7.31 -2.52
C LEU A 86 -1.84 7.45 -3.55
N LEU A 87 -1.84 6.56 -4.54
CA LEU A 87 -0.82 6.58 -5.59
C LEU A 87 -0.76 7.95 -6.24
N ASP A 88 -1.87 8.69 -6.19
CA ASP A 88 -1.93 10.02 -6.78
C ASP A 88 -0.93 10.96 -6.11
N THR A 89 -0.56 10.63 -4.87
CA THR A 89 0.39 11.45 -4.13
C THR A 89 1.83 11.10 -4.50
N LEU A 90 2.04 9.87 -4.97
CA LEU A 90 3.36 9.42 -5.37
C LEU A 90 3.64 9.74 -6.83
N ALA A 91 2.75 9.28 -7.71
CA ALA A 91 2.89 9.52 -9.14
C ALA A 91 1.54 9.72 -9.79
N PRO A 92 1.00 10.95 -9.70
CA PRO A 92 -0.30 11.31 -10.28
C PRO A 92 -0.26 11.33 -11.81
N SER A 93 0.93 11.18 -12.36
CA SER A 93 1.11 11.19 -13.81
C SER A 93 0.58 9.91 -14.44
N TRP A 94 0.20 8.95 -13.58
CA TRP A 94 -0.32 7.68 -14.05
C TRP A 94 -1.80 7.79 -14.40
N ARG A 95 -2.49 8.74 -13.76
CA ARG A 95 -3.91 8.95 -14.01
C ARG A 95 -4.12 10.00 -15.09
N ASN A 96 -3.18 10.93 -15.20
CA ASN A 96 -3.26 12.00 -16.19
C ASN A 96 -3.19 11.43 -17.61
N MET A 9 -13.65 1.36 -12.92
CA MET A 9 -13.61 1.76 -11.51
C MET A 9 -12.19 1.66 -10.95
N SER A 10 -11.88 2.53 -10.00
CA SER A 10 -10.55 2.56 -9.39
C SER A 10 -10.18 1.17 -8.89
N ALA A 11 -11.12 0.49 -8.25
CA ALA A 11 -10.89 -0.85 -7.72
C ALA A 11 -10.36 -1.78 -8.80
N ASP A 12 -10.74 -1.51 -10.04
CA ASP A 12 -10.30 -2.33 -11.17
C ASP A 12 -9.05 -1.74 -11.82
N ASP A 13 -8.88 -0.43 -11.67
CA ASP A 13 -7.71 0.25 -12.23
C ASP A 13 -6.48 0.04 -11.37
N PHE A 14 -6.67 -0.60 -10.22
CA PHE A 14 -5.58 -0.86 -9.29
C PHE A 14 -4.41 -1.54 -10.01
N ASP A 15 -4.73 -2.31 -11.04
CA ASP A 15 -3.71 -3.01 -11.82
C ASP A 15 -2.65 -2.03 -12.34
N ALA A 16 -3.10 -1.02 -13.07
CA ALA A 16 -2.19 -0.03 -13.62
C ALA A 16 -1.47 0.74 -12.52
N ALA A 17 -2.00 0.65 -11.30
CA ALA A 17 -1.40 1.33 -10.16
C ALA A 17 -0.23 0.53 -9.60
N VAL A 18 -0.47 -0.76 -9.34
CA VAL A 18 0.58 -1.62 -8.80
C VAL A 18 1.74 -1.74 -9.77
N LYS A 19 1.45 -1.65 -11.06
CA LYS A 19 2.48 -1.76 -12.09
C LYS A 19 3.32 -0.48 -12.14
N TYR A 20 2.71 0.64 -11.76
CA TYR A 20 3.40 1.92 -11.76
C TYR A 20 4.26 2.08 -10.52
N VAL A 21 3.88 1.39 -9.45
CA VAL A 21 4.62 1.45 -8.19
C VAL A 21 5.63 0.32 -8.10
N SER A 22 5.32 -0.80 -8.73
CA SER A 22 6.21 -1.96 -8.71
C SER A 22 7.35 -1.78 -9.71
N ASN A 23 7.04 -1.16 -10.85
CA ASN A 23 8.04 -0.93 -11.89
C ASN A 23 8.77 0.38 -11.65
N THR A 24 8.01 1.43 -11.34
CA THR A 24 8.60 2.75 -11.09
C THR A 24 8.60 3.07 -9.60
N THR A 25 9.78 3.34 -9.07
CA THR A 25 9.94 3.67 -7.64
C THR A 25 10.93 4.80 -7.44
N THR A 26 11.18 5.57 -8.50
CA THR A 26 12.11 6.68 -8.43
C THR A 26 11.38 8.00 -8.21
N MET A 27 10.06 7.98 -8.37
CA MET A 27 9.25 9.17 -8.18
C MET A 27 9.38 9.70 -6.76
N MET A 28 9.00 10.96 -6.56
CA MET A 28 9.07 11.59 -5.25
C MET A 28 8.14 10.89 -4.26
N ALA A 29 8.70 10.00 -3.45
CA ALA A 29 7.92 9.27 -2.46
C ALA A 29 8.49 9.47 -1.06
N SER A 30 7.63 9.29 -0.05
CA SER A 30 8.06 9.45 1.33
C SER A 30 8.15 8.10 2.03
N ASN A 31 9.05 8.01 3.00
CA ASN A 31 9.24 6.77 3.76
C ASN A 31 7.91 6.26 4.31
N ASP A 32 7.00 7.19 4.58
CA ASP A 32 5.70 6.83 5.13
C ASP A 32 4.70 6.54 4.01
N ASP A 33 4.86 7.23 2.88
CA ASP A 33 3.97 7.03 1.74
C ASP A 33 4.23 5.68 1.09
N LYS A 34 5.50 5.33 0.94
CA LYS A 34 5.87 4.05 0.33
C LYS A 34 5.38 2.88 1.16
N LEU A 35 5.01 3.17 2.41
CA LEU A 35 4.51 2.14 3.32
C LEU A 35 2.99 1.98 3.19
N CYS A 36 2.38 2.91 2.47
CA CYS A 36 0.93 2.89 2.27
C CYS A 36 0.55 1.85 1.22
N PHE A 37 1.26 1.87 0.09
CA PHE A 37 0.99 0.94 -0.99
C PHE A 37 1.45 -0.47 -0.64
N TYR A 38 2.24 -0.57 0.43
CA TYR A 38 2.76 -1.85 0.88
C TYR A 38 1.70 -2.62 1.66
N LYS A 39 0.82 -1.88 2.33
CA LYS A 39 -0.25 -2.49 3.13
C LYS A 39 -1.51 -2.70 2.28
N TYR A 40 -1.60 -1.96 1.18
CA TYR A 40 -2.75 -2.07 0.30
C TYR A 40 -2.69 -3.35 -0.53
N TYR A 41 -1.49 -3.70 -0.97
CA TYR A 41 -1.29 -4.90 -1.77
C TYR A 41 -1.56 -6.15 -0.95
N LYS A 42 -1.42 -6.03 0.36
CA LYS A 42 -1.65 -7.15 1.27
C LYS A 42 -3.11 -7.22 1.70
N GLN A 43 -3.72 -6.05 1.89
CA GLN A 43 -5.12 -5.97 2.30
C GLN A 43 -6.05 -6.24 1.11
N ALA A 44 -5.59 -5.89 -0.08
CA ALA A 44 -6.38 -6.08 -1.29
C ALA A 44 -6.20 -7.50 -1.83
N THR A 45 -5.26 -8.23 -1.25
CA THR A 45 -4.98 -9.60 -1.67
C THR A 45 -5.41 -10.61 -0.60
N VAL A 46 -4.93 -10.40 0.62
CA VAL A 46 -5.27 -11.29 1.73
C VAL A 46 -6.60 -10.91 2.36
N GLY A 47 -6.63 -9.73 2.98
CA GLY A 47 -7.85 -9.26 3.61
C GLY A 47 -7.60 -8.64 4.97
N ASP A 48 -6.65 -9.21 5.71
CA ASP A 48 -6.32 -8.71 7.04
C ASP A 48 -4.91 -9.15 7.45
N CYS A 49 -4.32 -8.43 8.40
CA CYS A 49 -2.98 -8.75 8.87
C CYS A 49 -2.99 -10.01 9.72
N ASN A 50 -1.92 -10.79 9.63
CA ASN A 50 -1.80 -12.02 10.41
C ASN A 50 -0.39 -12.60 10.30
N LYS A 51 0.59 -11.86 10.81
CA LYS A 51 1.97 -12.30 10.77
C LYS A 51 2.65 -12.07 12.12
N PRO A 52 3.76 -12.78 12.37
CA PRO A 52 4.53 -12.67 13.61
C PRO A 52 5.24 -11.33 13.72
N LYS A 53 5.46 -10.88 14.96
CA LYS A 53 6.14 -9.61 15.21
C LYS A 53 7.57 -9.66 14.70
N PRO A 54 7.99 -8.59 14.00
CA PRO A 54 9.34 -8.48 13.45
C PRO A 54 10.40 -8.32 14.54
N GLY A 55 11.61 -7.91 14.13
CA GLY A 55 12.68 -7.73 15.10
C GLY A 55 12.40 -6.60 16.08
N MET A 56 13.45 -5.97 16.57
CA MET A 56 13.31 -4.88 17.52
C MET A 56 14.25 -3.72 17.18
N LEU A 57 15.44 -4.06 16.72
CA LEU A 57 16.43 -3.05 16.35
C LEU A 57 15.98 -2.25 15.13
N GLN A 58 14.89 -2.70 14.52
CA GLN A 58 14.35 -2.03 13.34
C GLN A 58 13.17 -1.15 13.72
N LEU A 59 13.12 0.04 13.12
CA LEU A 59 12.04 0.98 13.39
C LEU A 59 10.89 0.81 12.40
N GLN A 60 11.21 0.92 11.12
CA GLN A 60 10.21 0.77 10.06
C GLN A 60 9.42 -0.52 10.24
N GLU A 61 10.11 -1.56 10.72
CA GLU A 61 9.47 -2.85 10.93
C GLU A 61 8.15 -2.70 11.70
N LYS A 62 8.16 -1.80 12.68
CA LYS A 62 6.97 -1.55 13.49
C LYS A 62 5.89 -0.85 12.67
N TYR A 63 6.31 0.15 11.90
CA TYR A 63 5.37 0.91 11.07
C TYR A 63 4.79 0.03 9.96
N LYS A 64 5.54 -1.00 9.56
CA LYS A 64 5.10 -1.91 8.52
C LYS A 64 4.24 -3.02 9.10
N TRP A 65 4.40 -3.28 10.40
CA TRP A 65 3.64 -4.32 11.07
C TRP A 65 2.35 -3.74 11.68
N GLU A 66 2.38 -2.45 12.01
CA GLU A 66 1.23 -1.79 12.59
C GLU A 66 0.27 -1.32 11.51
N ALA A 67 0.82 -0.91 10.38
CA ALA A 67 0.02 -0.43 9.25
C ALA A 67 -0.91 -1.53 8.75
N TRP A 68 -0.34 -2.66 8.35
CA TRP A 68 -1.12 -3.78 7.85
C TRP A 68 -2.17 -4.21 8.86
N ASN A 69 -1.83 -4.12 10.14
CA ASN A 69 -2.74 -4.51 11.21
C ASN A 69 -3.80 -3.44 11.43
N ALA A 70 -3.48 -2.20 11.05
CA ALA A 70 -4.39 -1.09 11.20
C ALA A 70 -5.57 -1.21 10.24
N LEU A 71 -5.34 -1.89 9.12
CA LEU A 71 -6.38 -2.07 8.11
C LEU A 71 -7.04 -3.44 8.26
N ARG A 72 -7.00 -3.98 9.47
CA ARG A 72 -7.60 -5.28 9.75
C ARG A 72 -9.10 -5.26 9.49
N GLY A 73 -9.59 -6.24 8.74
CA GLY A 73 -11.00 -6.32 8.43
C GLY A 73 -11.33 -5.66 7.10
N MET A 74 -10.44 -4.80 6.63
CA MET A 74 -10.66 -4.10 5.36
C MET A 74 -10.95 -5.09 4.24
N SER A 75 -11.67 -4.63 3.22
CA SER A 75 -12.03 -5.48 2.09
C SER A 75 -11.07 -5.25 0.92
N THR A 76 -11.28 -5.98 -0.17
CA THR A 76 -10.46 -5.86 -1.36
C THR A 76 -10.71 -4.54 -2.07
N GLU A 77 -11.99 -4.24 -2.29
CA GLU A 77 -12.37 -3.01 -2.98
C GLU A 77 -11.95 -1.79 -2.17
N SER A 78 -11.98 -1.92 -0.84
CA SER A 78 -11.60 -0.83 0.05
C SER A 78 -10.12 -0.51 -0.08
N ALA A 79 -9.30 -1.55 -0.14
CA ALA A 79 -7.86 -1.39 -0.27
C ALA A 79 -7.47 -0.84 -1.65
N LYS A 80 -7.98 -1.50 -2.69
CA LYS A 80 -7.70 -1.08 -4.06
C LYS A 80 -8.07 0.38 -4.27
N GLU A 81 -9.17 0.81 -3.65
CA GLU A 81 -9.64 2.19 -3.77
C GLU A 81 -8.63 3.16 -3.15
N ALA A 82 -7.80 2.64 -2.25
CA ALA A 82 -6.79 3.45 -1.59
C ALA A 82 -5.50 3.51 -2.41
N TYR A 83 -5.26 2.47 -3.20
CA TYR A 83 -4.06 2.40 -4.03
C TYR A 83 -4.14 3.41 -5.17
N VAL A 84 -5.36 3.82 -5.51
CA VAL A 84 -5.57 4.79 -6.58
C VAL A 84 -5.52 6.22 -6.06
N LYS A 85 -6.06 6.42 -4.86
CA LYS A 85 -6.08 7.74 -4.24
C LYS A 85 -4.72 8.06 -3.62
N LEU A 86 -4.08 7.04 -3.05
CA LEU A 86 -2.77 7.23 -2.43
C LEU A 86 -1.67 7.40 -3.48
N LEU A 87 -1.66 6.51 -4.47
CA LEU A 87 -0.67 6.57 -5.54
C LEU A 87 -0.67 7.95 -6.19
N ASP A 88 -1.78 8.66 -6.08
CA ASP A 88 -1.89 9.99 -6.66
C ASP A 88 -0.88 10.95 -6.04
N THR A 89 -0.47 10.65 -4.82
CA THR A 89 0.49 11.48 -4.11
C THR A 89 1.93 11.12 -4.51
N LEU A 90 2.11 9.90 -4.99
CA LEU A 90 3.43 9.44 -5.41
C LEU A 90 3.67 9.75 -6.89
N ALA A 91 2.78 9.25 -7.74
CA ALA A 91 2.89 9.48 -9.18
C ALA A 91 1.53 9.71 -9.80
N PRO A 92 1.02 10.95 -9.71
CA PRO A 92 -0.27 11.33 -10.27
C PRO A 92 -0.28 11.34 -11.79
N SER A 93 0.90 11.13 -12.38
CA SER A 93 1.03 11.13 -13.83
C SER A 93 0.47 9.84 -14.42
N TRP A 94 0.05 8.92 -13.55
CA TRP A 94 -0.51 7.65 -13.99
C TRP A 94 -2.00 7.79 -14.28
N ARG A 95 -2.65 8.74 -13.62
CA ARG A 95 -4.07 8.98 -13.80
C ARG A 95 -4.31 9.99 -14.92
N ASN A 96 -3.38 10.93 -15.07
CA ASN A 96 -3.50 11.95 -16.09
C ASN A 96 -2.17 12.12 -16.85
N MET A 9 -14.13 1.04 -12.11
CA MET A 9 -13.89 1.42 -10.73
C MET A 9 -12.40 1.34 -10.39
N SER A 10 -11.96 2.21 -9.48
CA SER A 10 -10.56 2.25 -9.08
C SER A 10 -10.11 0.89 -8.54
N ALA A 11 -11.07 0.11 -8.05
CA ALA A 11 -10.78 -1.21 -7.51
C ALA A 11 -10.27 -2.15 -8.59
N ASP A 12 -10.74 -1.93 -9.82
CA ASP A 12 -10.34 -2.75 -10.95
C ASP A 12 -9.16 -2.14 -11.69
N ASP A 13 -9.02 -0.83 -11.58
CA ASP A 13 -7.93 -0.11 -12.23
C ASP A 13 -6.64 -0.24 -11.43
N PHE A 14 -6.74 -0.85 -10.26
CA PHE A 14 -5.57 -1.04 -9.40
C PHE A 14 -4.41 -1.66 -10.17
N ASP A 15 -4.75 -2.47 -11.16
CA ASP A 15 -3.73 -3.14 -11.99
C ASP A 15 -2.77 -2.12 -12.59
N ALA A 16 -3.32 -1.05 -13.15
CA ALA A 16 -2.51 -0.01 -13.76
C ALA A 16 -1.81 0.83 -12.70
N ALA A 17 -2.17 0.61 -11.45
CA ALA A 17 -1.56 1.34 -10.34
C ALA A 17 -0.38 0.58 -9.75
N VAL A 18 -0.50 -0.74 -9.68
CA VAL A 18 0.56 -1.58 -9.14
C VAL A 18 1.75 -1.62 -10.09
N LYS A 19 1.49 -1.43 -11.38
CA LYS A 19 2.54 -1.45 -12.38
C LYS A 19 3.40 -0.19 -12.29
N TYR A 20 2.75 0.96 -12.22
CA TYR A 20 3.46 2.24 -12.13
C TYR A 20 4.28 2.31 -10.85
N VAL A 21 3.88 1.53 -9.84
CA VAL A 21 4.60 1.51 -8.57
C VAL A 21 5.63 0.39 -8.54
N SER A 22 5.34 -0.71 -9.24
CA SER A 22 6.24 -1.85 -9.30
C SER A 22 7.40 -1.58 -10.23
N ASN A 23 7.12 -0.87 -11.32
CA ASN A 23 8.14 -0.54 -12.31
C ASN A 23 8.82 0.79 -11.97
N THR A 24 8.01 1.79 -11.67
CA THR A 24 8.53 3.12 -11.32
C THR A 24 8.43 3.37 -9.82
N THR A 25 9.57 3.69 -9.21
CA THR A 25 9.62 3.96 -7.79
C THR A 25 10.55 5.13 -7.48
N THR A 26 10.94 5.86 -8.52
CA THR A 26 11.83 7.00 -8.36
C THR A 26 11.03 8.28 -8.09
N MET A 27 9.72 8.21 -8.30
CA MET A 27 8.85 9.36 -8.08
C MET A 27 9.00 9.89 -6.66
N MET A 28 8.57 11.13 -6.45
CA MET A 28 8.66 11.76 -5.14
C MET A 28 7.78 11.04 -4.13
N ALA A 29 8.39 10.17 -3.34
CA ALA A 29 7.65 9.41 -2.33
C ALA A 29 8.24 9.65 -0.94
N SER A 30 7.42 9.42 0.09
CA SER A 30 7.85 9.62 1.47
C SER A 30 7.96 8.28 2.19
N ASN A 31 8.77 8.26 3.25
CA ASN A 31 8.97 7.05 4.03
C ASN A 31 7.65 6.51 4.56
N ASP A 32 6.66 7.40 4.69
CA ASP A 32 5.34 7.02 5.19
C ASP A 32 4.39 6.72 4.02
N ASP A 33 4.68 7.31 2.86
CA ASP A 33 3.85 7.11 1.69
C ASP A 33 4.18 5.78 1.01
N LYS A 34 5.46 5.46 0.93
CA LYS A 34 5.90 4.21 0.32
C LYS A 34 5.40 3.00 1.10
N LEU A 35 4.96 3.25 2.32
CA LEU A 35 4.44 2.19 3.18
C LEU A 35 2.94 2.01 2.99
N CYS A 36 2.33 2.94 2.26
CA CYS A 36 0.89 2.89 2.00
C CYS A 36 0.57 1.86 0.92
N PHE A 37 1.29 1.95 -0.21
CA PHE A 37 1.08 1.03 -1.32
C PHE A 37 1.50 -0.38 -0.94
N TYR A 38 2.22 -0.50 0.17
CA TYR A 38 2.70 -1.80 0.63
C TYR A 38 1.61 -2.52 1.43
N LYS A 39 0.85 -1.77 2.21
CA LYS A 39 -0.23 -2.33 3.01
C LYS A 39 -1.46 -2.59 2.17
N TYR A 40 -1.60 -1.83 1.08
CA TYR A 40 -2.74 -1.98 0.18
C TYR A 40 -2.66 -3.29 -0.60
N TYR A 41 -1.46 -3.61 -1.07
CA TYR A 41 -1.23 -4.84 -1.84
C TYR A 41 -1.45 -6.07 -0.96
N LYS A 42 -1.30 -5.89 0.35
CA LYS A 42 -1.49 -6.99 1.29
C LYS A 42 -2.96 -7.17 1.63
N GLN A 43 -3.65 -6.07 1.89
CA GLN A 43 -5.07 -6.12 2.22
C GLN A 43 -5.91 -6.43 0.99
N ALA A 44 -5.41 -6.02 -0.18
CA ALA A 44 -6.12 -6.25 -1.43
C ALA A 44 -5.85 -7.65 -1.96
N THR A 45 -5.04 -8.41 -1.22
CA THR A 45 -4.70 -9.77 -1.61
C THR A 45 -5.14 -10.78 -0.55
N VAL A 46 -4.71 -10.54 0.68
CA VAL A 46 -5.05 -11.43 1.79
C VAL A 46 -6.37 -11.01 2.44
N GLY A 47 -6.36 -9.83 3.06
CA GLY A 47 -7.56 -9.32 3.71
C GLY A 47 -7.25 -8.62 5.02
N ASP A 48 -6.50 -9.28 5.89
CA ASP A 48 -6.14 -8.71 7.18
C ASP A 48 -4.76 -9.20 7.63
N CYS A 49 -4.14 -8.46 8.54
CA CYS A 49 -2.82 -8.83 9.05
C CYS A 49 -2.93 -9.97 10.05
N ASN A 50 -1.95 -10.88 10.01
CA ASN A 50 -1.93 -12.02 10.91
C ASN A 50 -0.54 -12.65 10.96
N LYS A 51 0.46 -11.82 11.21
CA LYS A 51 1.85 -12.29 11.28
C LYS A 51 2.47 -11.92 12.63
N PRO A 52 3.50 -12.67 13.03
CA PRO A 52 4.22 -12.43 14.29
C PRO A 52 5.04 -11.15 14.25
N LYS A 53 5.21 -10.53 15.41
CA LYS A 53 5.98 -9.29 15.52
C LYS A 53 7.40 -9.48 14.99
N PRO A 54 7.88 -8.52 14.19
CA PRO A 54 9.22 -8.55 13.62
C PRO A 54 10.31 -8.37 14.66
N GLY A 55 11.53 -8.11 14.19
CA GLY A 55 12.65 -7.92 15.11
C GLY A 55 12.37 -6.83 16.13
N MET A 56 13.37 -6.56 16.98
CA MET A 56 13.23 -5.54 18.01
C MET A 56 14.33 -4.49 17.88
N LEU A 57 14.97 -4.45 16.73
CA LEU A 57 16.05 -3.50 16.48
C LEU A 57 15.77 -2.68 15.21
N GLN A 58 14.67 -2.99 14.54
CA GLN A 58 14.29 -2.29 13.33
C GLN A 58 13.18 -1.28 13.61
N LEU A 59 13.22 -0.15 12.89
CA LEU A 59 12.22 0.89 13.06
C LEU A 59 11.07 0.71 12.09
N GLN A 60 11.39 0.67 10.80
CA GLN A 60 10.37 0.50 9.76
C GLN A 60 9.51 -0.75 10.04
N GLU A 61 10.14 -1.77 10.58
CA GLU A 61 9.43 -3.02 10.91
C GLU A 61 8.15 -2.72 11.69
N LYS A 62 8.23 -1.75 12.60
CA LYS A 62 7.08 -1.38 13.42
C LYS A 62 6.02 -0.68 12.57
N TYR A 63 6.46 0.17 11.65
CA TYR A 63 5.55 0.90 10.78
C TYR A 63 4.89 -0.04 9.78
N LYS A 64 5.65 -1.02 9.30
CA LYS A 64 5.13 -1.99 8.34
C LYS A 64 4.24 -3.02 9.03
N TRP A 65 4.42 -3.18 10.33
CA TRP A 65 3.64 -4.13 11.11
C TRP A 65 2.40 -3.46 11.69
N GLU A 66 2.51 -2.16 11.98
CA GLU A 66 1.40 -1.41 12.54
C GLU A 66 0.40 -1.02 11.45
N ALA A 67 0.91 -0.70 10.27
CA ALA A 67 0.07 -0.31 9.15
C ALA A 67 -0.80 -1.48 8.68
N TRP A 68 -0.16 -2.59 8.38
CA TRP A 68 -0.87 -3.78 7.93
C TRP A 68 -1.88 -4.24 8.96
N ASN A 69 -1.55 -4.02 10.23
CA ASN A 69 -2.43 -4.43 11.34
C ASN A 69 -3.43 -3.32 11.66
N ALA A 70 -3.22 -2.15 11.07
CA ALA A 70 -4.11 -1.01 11.29
C ALA A 70 -5.36 -1.12 10.42
N LEU A 71 -5.21 -1.75 9.27
CA LEU A 71 -6.33 -1.91 8.35
C LEU A 71 -6.99 -3.29 8.53
N ARG A 72 -6.95 -3.80 9.74
CA ARG A 72 -7.54 -5.09 10.05
C ARG A 72 -9.05 -5.07 9.81
N GLY A 73 -9.51 -5.94 8.91
CA GLY A 73 -10.93 -5.99 8.60
C GLY A 73 -11.26 -5.40 7.25
N MET A 74 -10.32 -4.65 6.69
CA MET A 74 -10.51 -4.02 5.39
C MET A 74 -10.84 -5.06 4.33
N SER A 75 -11.54 -4.64 3.28
CA SER A 75 -11.92 -5.53 2.20
C SER A 75 -10.97 -5.39 1.01
N THR A 76 -11.11 -6.28 0.03
CA THR A 76 -10.26 -6.25 -1.15
C THR A 76 -10.46 -4.97 -1.94
N GLU A 77 -11.72 -4.64 -2.23
CA GLU A 77 -12.04 -3.45 -2.99
C GLU A 77 -11.66 -2.19 -2.20
N SER A 78 -11.73 -2.28 -0.88
CA SER A 78 -11.41 -1.16 -0.01
C SER A 78 -9.94 -0.79 -0.15
N ALA A 79 -9.07 -1.80 -0.23
CA ALA A 79 -7.64 -1.57 -0.36
C ALA A 79 -7.30 -1.04 -1.75
N LYS A 80 -7.77 -1.74 -2.78
CA LYS A 80 -7.51 -1.34 -4.16
C LYS A 80 -7.99 0.09 -4.41
N GLU A 81 -9.07 0.48 -3.73
CA GLU A 81 -9.62 1.83 -3.87
C GLU A 81 -8.67 2.86 -3.29
N ALA A 82 -7.80 2.43 -2.39
CA ALA A 82 -6.85 3.32 -1.74
C ALA A 82 -5.55 3.40 -2.56
N TYR A 83 -5.28 2.37 -3.33
CA TYR A 83 -4.08 2.32 -4.15
C TYR A 83 -4.18 3.29 -5.33
N VAL A 84 -5.41 3.58 -5.75
CA VAL A 84 -5.64 4.49 -6.86
C VAL A 84 -5.67 5.93 -6.39
N LYS A 85 -6.11 6.15 -5.15
CA LYS A 85 -6.18 7.49 -4.57
C LYS A 85 -4.84 7.88 -3.95
N LEU A 86 -4.17 6.91 -3.33
CA LEU A 86 -2.88 7.15 -2.70
C LEU A 86 -1.79 7.33 -3.74
N LEU A 87 -1.77 6.46 -4.73
CA LEU A 87 -0.77 6.51 -5.79
C LEU A 87 -0.75 7.90 -6.43
N ASP A 88 -1.87 8.61 -6.35
CA ASP A 88 -1.98 9.94 -6.91
C ASP A 88 -1.00 10.90 -6.25
N THR A 89 -0.62 10.59 -5.01
CA THR A 89 0.31 11.42 -4.26
C THR A 89 1.75 11.13 -4.66
N LEU A 90 1.99 9.92 -5.14
CA LEU A 90 3.32 9.52 -5.56
C LEU A 90 3.57 9.88 -7.02
N ALA A 91 2.72 9.37 -7.91
CA ALA A 91 2.84 9.64 -9.33
C ALA A 91 1.47 9.79 -9.98
N PRO A 92 0.89 10.99 -9.87
CA PRO A 92 -0.43 11.29 -10.44
C PRO A 92 -0.40 11.32 -11.96
N SER A 93 0.79 11.22 -12.53
CA SER A 93 0.95 11.25 -13.99
C SER A 93 0.44 9.95 -14.61
N TRP A 94 0.10 8.99 -13.76
CA TRP A 94 -0.40 7.70 -14.23
C TRP A 94 -1.88 7.81 -14.63
N ARG A 95 -2.60 8.71 -13.98
CA ARG A 95 -4.01 8.90 -14.27
C ARG A 95 -4.21 9.97 -15.35
N ASN A 96 -3.34 10.97 -15.34
CA ASN A 96 -3.41 12.06 -16.31
C ASN A 96 -2.05 12.32 -16.93
N MET A 9 -14.89 3.17 -11.46
CA MET A 9 -14.32 2.67 -10.21
C MET A 9 -12.80 2.57 -10.31
N SER A 10 -12.15 2.49 -9.16
CA SER A 10 -10.69 2.40 -9.10
C SER A 10 -10.25 1.10 -8.44
N ALA A 11 -11.11 0.10 -8.49
CA ALA A 11 -10.81 -1.20 -7.89
C ALA A 11 -10.21 -2.15 -8.90
N ASP A 12 -10.55 -1.96 -10.17
CA ASP A 12 -10.03 -2.80 -11.25
C ASP A 12 -8.80 -2.16 -11.88
N ASP A 13 -8.71 -0.84 -11.79
CA ASP A 13 -7.58 -0.11 -12.36
C ASP A 13 -6.35 -0.21 -11.46
N PHE A 14 -6.53 -0.82 -10.29
CA PHE A 14 -5.44 -0.99 -9.34
C PHE A 14 -4.23 -1.62 -10.00
N ASP A 15 -4.48 -2.46 -11.00
CA ASP A 15 -3.40 -3.13 -11.73
C ASP A 15 -2.38 -2.12 -12.24
N ALA A 16 -2.85 -1.13 -13.01
CA ALA A 16 -1.98 -0.11 -13.55
C ALA A 16 -1.34 0.72 -12.45
N ALA A 17 -1.92 0.65 -11.25
CA ALA A 17 -1.41 1.39 -10.11
C ALA A 17 -0.21 0.67 -9.48
N VAL A 18 -0.37 -0.62 -9.22
CA VAL A 18 0.69 -1.42 -8.63
C VAL A 18 1.82 -1.67 -9.62
N LYS A 19 1.46 -1.71 -10.90
CA LYS A 19 2.45 -1.93 -11.96
C LYS A 19 3.46 -0.79 -12.02
N TYR A 20 2.95 0.44 -11.96
CA TYR A 20 3.81 1.62 -12.01
C TYR A 20 4.66 1.72 -10.74
N VAL A 21 4.02 1.51 -9.60
CA VAL A 21 4.71 1.59 -8.31
C VAL A 21 5.75 0.47 -8.18
N SER A 22 5.43 -0.69 -8.73
CA SER A 22 6.32 -1.84 -8.66
C SER A 22 7.48 -1.68 -9.64
N ASN A 23 7.30 -0.79 -10.62
CA ASN A 23 8.33 -0.55 -11.62
C ASN A 23 8.88 0.87 -11.50
N THR A 24 8.52 1.55 -10.40
CA THR A 24 8.98 2.90 -10.17
C THR A 24 9.63 3.03 -8.79
N THR A 25 8.81 3.13 -7.75
CA THR A 25 9.31 3.26 -6.40
C THR A 25 10.44 4.28 -6.32
N THR A 26 10.35 5.32 -7.14
CA THR A 26 11.37 6.36 -7.17
C THR A 26 10.75 7.74 -7.01
N MET A 27 9.45 7.84 -7.30
CA MET A 27 8.74 9.11 -7.19
C MET A 27 8.98 9.74 -5.82
N MET A 28 8.74 11.05 -5.73
CA MET A 28 8.92 11.76 -4.48
C MET A 28 7.76 11.50 -3.53
N ALA A 29 7.98 10.58 -2.59
CA ALA A 29 6.95 10.23 -1.60
C ALA A 29 7.54 10.12 -0.20
N SER A 30 6.70 10.28 0.81
CA SER A 30 7.14 10.22 2.20
C SER A 30 7.23 8.76 2.67
N ASN A 31 8.02 8.53 3.70
CA ASN A 31 8.20 7.19 4.25
C ASN A 31 6.85 6.56 4.58
N ASP A 32 5.88 7.39 4.93
CA ASP A 32 4.55 6.92 5.28
C ASP A 32 3.75 6.58 4.02
N ASP A 33 3.74 7.50 3.07
CA ASP A 33 3.02 7.30 1.82
C ASP A 33 3.55 6.07 1.08
N LYS A 34 4.87 5.93 1.05
CA LYS A 34 5.50 4.81 0.37
C LYS A 34 5.18 3.50 1.09
N LEU A 35 4.66 3.60 2.30
CA LEU A 35 4.31 2.42 3.08
C LEU A 35 2.83 2.08 2.92
N CYS A 36 2.08 2.98 2.28
CA CYS A 36 0.66 2.78 2.06
C CYS A 36 0.42 1.75 0.95
N PHE A 37 1.15 1.91 -0.15
CA PHE A 37 1.02 1.00 -1.29
C PHE A 37 1.49 -0.41 -0.92
N TYR A 38 2.18 -0.51 0.21
CA TYR A 38 2.69 -1.80 0.67
C TYR A 38 1.63 -2.55 1.47
N LYS A 39 0.80 -1.80 2.20
CA LYS A 39 -0.26 -2.40 2.99
C LYS A 39 -1.50 -2.67 2.14
N TYR A 40 -1.64 -1.91 1.06
CA TYR A 40 -2.78 -2.07 0.17
C TYR A 40 -2.68 -3.37 -0.63
N TYR A 41 -1.47 -3.69 -1.07
CA TYR A 41 -1.25 -4.91 -1.84
C TYR A 41 -1.48 -6.14 -0.99
N LYS A 42 -1.36 -5.98 0.32
CA LYS A 42 -1.57 -7.08 1.26
C LYS A 42 -3.04 -7.21 1.63
N GLN A 43 -3.70 -6.07 1.84
CA GLN A 43 -5.10 -6.05 2.20
C GLN A 43 -5.98 -6.38 1.00
N ALA A 44 -5.52 -6.00 -0.19
CA ALA A 44 -6.26 -6.25 -1.41
C ALA A 44 -5.99 -7.65 -1.94
N THR A 45 -5.15 -8.40 -1.22
CA THR A 45 -4.82 -9.76 -1.62
C THR A 45 -5.24 -10.77 -0.55
N VAL A 46 -4.79 -10.52 0.68
CA VAL A 46 -5.12 -11.40 1.80
C VAL A 46 -6.41 -10.97 2.48
N GLY A 47 -6.40 -9.79 3.08
CA GLY A 47 -7.58 -9.29 3.75
C GLY A 47 -7.25 -8.56 5.04
N ASP A 48 -6.41 -9.17 5.87
CA ASP A 48 -6.02 -8.58 7.13
C ASP A 48 -4.66 -9.11 7.59
N CYS A 49 -3.99 -8.36 8.46
CA CYS A 49 -2.68 -8.77 8.97
C CYS A 49 -2.81 -9.96 9.91
N ASN A 50 -1.87 -10.88 9.83
CA ASN A 50 -1.89 -12.07 10.67
C ASN A 50 -0.49 -12.68 10.77
N LYS A 51 0.51 -11.83 10.99
CA LYS A 51 1.89 -12.29 11.11
C LYS A 51 2.50 -11.86 12.44
N PRO A 52 3.52 -12.60 12.89
CA PRO A 52 4.21 -12.31 14.15
C PRO A 52 5.03 -11.03 14.08
N LYS A 53 5.30 -10.43 15.24
CA LYS A 53 6.09 -9.21 15.31
C LYS A 53 7.47 -9.42 14.71
N PRO A 54 7.93 -8.45 13.90
CA PRO A 54 9.24 -8.51 13.25
C PRO A 54 10.38 -8.33 14.25
N GLY A 55 11.58 -8.07 13.73
CA GLY A 55 12.73 -7.89 14.59
C GLY A 55 12.52 -6.79 15.62
N MET A 56 13.54 -6.53 16.42
CA MET A 56 13.47 -5.50 17.46
C MET A 56 14.57 -4.47 17.28
N LEU A 57 15.16 -4.44 16.09
CA LEU A 57 16.22 -3.49 15.79
C LEU A 57 15.90 -2.68 14.54
N GLN A 58 14.77 -2.99 13.92
CA GLN A 58 14.35 -2.28 12.72
C GLN A 58 13.25 -1.27 13.04
N LEU A 59 13.26 -0.15 12.33
CA LEU A 59 12.27 0.91 12.53
C LEU A 59 11.08 0.73 11.60
N GLN A 60 11.36 0.69 10.30
CA GLN A 60 10.32 0.52 9.30
C GLN A 60 9.47 -0.70 9.60
N GLU A 61 10.10 -1.75 10.11
CA GLU A 61 9.40 -2.98 10.45
C GLU A 61 8.15 -2.68 11.27
N LYS A 62 8.26 -1.72 12.17
CA LYS A 62 7.13 -1.34 13.02
C LYS A 62 6.05 -0.63 12.21
N TYR A 63 6.47 0.28 11.34
CA TYR A 63 5.53 1.03 10.50
C TYR A 63 4.86 0.11 9.49
N LYS A 64 5.55 -0.96 9.12
CA LYS A 64 5.02 -1.93 8.16
C LYS A 64 4.14 -2.97 8.86
N TRP A 65 4.38 -3.15 10.16
CA TRP A 65 3.62 -4.12 10.94
C TRP A 65 2.40 -3.46 11.58
N GLU A 66 2.48 -2.16 11.82
CA GLU A 66 1.39 -1.42 12.42
C GLU A 66 0.34 -1.06 11.37
N ALA A 67 0.80 -0.64 10.20
CA ALA A 67 -0.10 -0.25 9.12
C ALA A 67 -0.93 -1.45 8.66
N TRP A 68 -0.27 -2.55 8.37
CA TRP A 68 -0.95 -3.76 7.92
C TRP A 68 -1.96 -4.24 8.95
N ASN A 69 -1.71 -3.90 10.22
CA ASN A 69 -2.60 -4.29 11.30
C ASN A 69 -3.73 -3.29 11.47
N ALA A 70 -3.43 -2.02 11.20
CA ALA A 70 -4.43 -0.95 11.32
C ALA A 70 -5.55 -1.13 10.28
N LEU A 71 -5.24 -1.85 9.21
CA LEU A 71 -6.22 -2.09 8.16
C LEU A 71 -6.92 -3.44 8.36
N ARG A 72 -6.68 -4.05 9.51
CA ARG A 72 -7.28 -5.34 9.84
C ARG A 72 -8.81 -5.28 9.67
N GLY A 73 -9.33 -6.08 8.75
CA GLY A 73 -10.76 -6.10 8.52
C GLY A 73 -11.15 -5.48 7.19
N MET A 74 -10.21 -4.73 6.60
CA MET A 74 -10.46 -4.08 5.31
C MET A 74 -10.78 -5.11 4.23
N SER A 75 -11.50 -4.68 3.21
CA SER A 75 -11.88 -5.56 2.12
C SER A 75 -10.91 -5.42 0.95
N THR A 76 -11.17 -6.16 -0.12
CA THR A 76 -10.32 -6.12 -1.31
C THR A 76 -10.59 -4.87 -2.13
N GLU A 77 -11.86 -4.51 -2.26
CA GLU A 77 -12.24 -3.33 -3.02
C GLU A 77 -11.82 -2.06 -2.30
N SER A 78 -11.85 -2.10 -0.97
CA SER A 78 -11.48 -0.94 -0.16
C SER A 78 -10.01 -0.60 -0.36
N ALA A 79 -9.16 -1.62 -0.33
CA ALA A 79 -7.72 -1.43 -0.51
C ALA A 79 -7.40 -0.93 -1.92
N LYS A 80 -7.92 -1.64 -2.92
CA LYS A 80 -7.69 -1.28 -4.31
C LYS A 80 -8.14 0.16 -4.57
N GLU A 81 -9.22 0.56 -3.92
CA GLU A 81 -9.75 1.91 -4.09
C GLU A 81 -8.84 2.94 -3.43
N ALA A 82 -7.97 2.48 -2.54
CA ALA A 82 -7.04 3.35 -1.85
C ALA A 82 -5.72 3.44 -2.59
N TYR A 83 -5.41 2.42 -3.37
CA TYR A 83 -4.16 2.38 -4.13
C TYR A 83 -4.19 3.40 -5.26
N VAL A 84 -5.37 3.64 -5.81
CA VAL A 84 -5.53 4.60 -6.90
C VAL A 84 -5.53 6.04 -6.38
N LYS A 85 -6.13 6.24 -5.22
CA LYS A 85 -6.20 7.57 -4.61
C LYS A 85 -4.87 7.92 -3.95
N LEU A 86 -4.31 6.97 -3.21
CA LEU A 86 -3.04 7.18 -2.53
C LEU A 86 -1.91 7.40 -3.53
N LEU A 87 -1.81 6.50 -4.50
CA LEU A 87 -0.78 6.59 -5.52
C LEU A 87 -0.77 7.97 -6.17
N ASP A 88 -1.92 8.64 -6.14
CA ASP A 88 -2.05 9.97 -6.71
C ASP A 88 -1.08 10.95 -6.06
N THR A 89 -0.77 10.69 -4.79
CA THR A 89 0.14 11.55 -4.04
C THR A 89 1.60 11.17 -4.29
N LEU A 90 1.81 9.94 -4.76
CA LEU A 90 3.15 9.46 -5.05
C LEU A 90 3.56 9.79 -6.49
N ALA A 91 2.78 9.29 -7.44
CA ALA A 91 3.04 9.53 -8.85
C ALA A 91 1.76 9.78 -9.62
N PRO A 92 1.30 11.04 -9.62
CA PRO A 92 0.07 11.44 -10.31
C PRO A 92 0.23 11.38 -11.84
N SER A 93 1.44 11.13 -12.30
CA SER A 93 1.72 11.06 -13.72
C SER A 93 1.11 9.80 -14.33
N TRP A 94 0.61 8.92 -13.49
CA TRP A 94 0.00 7.67 -13.94
C TRP A 94 -1.48 7.89 -14.26
N ARG A 95 -2.09 8.88 -13.62
CA ARG A 95 -3.49 9.19 -13.84
C ARG A 95 -3.65 10.31 -14.86
N ASN A 96 -2.66 11.18 -14.93
CA ASN A 96 -2.70 12.30 -15.86
C ASN A 96 -2.60 11.81 -17.31
N MET A 9 -14.16 1.10 -12.51
CA MET A 9 -14.02 1.34 -11.08
C MET A 9 -12.54 1.41 -10.69
N SER A 10 -12.23 2.27 -9.73
CA SER A 10 -10.86 2.45 -9.28
C SER A 10 -10.27 1.11 -8.82
N ALA A 11 -11.10 0.30 -8.19
CA ALA A 11 -10.67 -1.01 -7.70
C ALA A 11 -10.20 -1.90 -8.85
N ASP A 12 -10.64 -1.56 -10.06
CA ASP A 12 -10.26 -2.32 -11.25
C ASP A 12 -9.03 -1.72 -11.92
N ASP A 13 -8.83 -0.43 -11.71
CA ASP A 13 -7.69 0.28 -12.30
C ASP A 13 -6.44 0.09 -11.44
N PHE A 14 -6.60 -0.58 -10.31
CA PHE A 14 -5.49 -0.82 -9.40
C PHE A 14 -4.31 -1.45 -10.14
N ASP A 15 -4.62 -2.21 -11.19
CA ASP A 15 -3.58 -2.86 -11.99
C ASP A 15 -2.56 -1.85 -12.49
N ALA A 16 -3.04 -0.83 -13.19
CA ALA A 16 -2.17 0.21 -13.73
C ALA A 16 -1.45 0.96 -12.61
N ALA A 17 -1.96 0.82 -11.39
CA ALA A 17 -1.37 1.49 -10.23
C ALA A 17 -0.17 0.70 -9.70
N VAL A 18 -0.38 -0.59 -9.47
CA VAL A 18 0.69 -1.45 -8.97
C VAL A 18 1.85 -1.53 -9.94
N LYS A 19 1.54 -1.42 -11.24
CA LYS A 19 2.56 -1.46 -12.27
C LYS A 19 3.37 -0.17 -12.30
N TYR A 20 2.74 0.92 -11.90
CA TYR A 20 3.40 2.22 -11.88
C TYR A 20 4.28 2.37 -10.64
N VAL A 21 3.92 1.66 -9.58
CA VAL A 21 4.67 1.70 -8.34
C VAL A 21 5.72 0.60 -8.28
N SER A 22 5.42 -0.52 -8.92
CA SER A 22 6.34 -1.66 -8.95
C SER A 22 7.46 -1.43 -9.95
N ASN A 23 7.13 -0.79 -11.07
CA ASN A 23 8.12 -0.52 -12.11
C ASN A 23 8.81 0.82 -11.86
N THR A 24 8.03 1.83 -11.52
CA THR A 24 8.57 3.17 -11.24
C THR A 24 8.55 3.46 -9.74
N THR A 25 9.73 3.82 -9.21
CA THR A 25 9.85 4.13 -7.79
C THR A 25 10.79 5.31 -7.58
N THR A 26 11.12 6.02 -8.66
CA THR A 26 12.00 7.17 -8.58
C THR A 26 11.23 8.45 -8.31
N MET A 27 9.90 8.37 -8.43
CA MET A 27 9.05 9.52 -8.20
C MET A 27 9.19 10.02 -6.76
N MET A 28 8.78 11.27 -6.52
CA MET A 28 8.86 11.85 -5.19
C MET A 28 7.94 11.13 -4.22
N ALA A 29 8.50 10.22 -3.44
CA ALA A 29 7.73 9.45 -2.47
C ALA A 29 8.26 9.68 -1.05
N SER A 30 7.38 9.51 -0.07
CA SER A 30 7.76 9.69 1.33
C SER A 30 7.89 8.34 2.04
N ASN A 31 8.75 8.30 3.05
CA ASN A 31 8.97 7.07 3.82
C ASN A 31 7.66 6.56 4.40
N ASP A 32 6.71 7.45 4.58
CA ASP A 32 5.41 7.09 5.14
C ASP A 32 4.42 6.74 4.02
N ASP A 33 4.60 7.37 2.87
CA ASP A 33 3.73 7.13 1.73
C ASP A 33 4.06 5.80 1.05
N LYS A 34 5.35 5.46 1.01
CA LYS A 34 5.81 4.22 0.41
C LYS A 34 5.32 3.02 1.21
N LEU A 35 4.86 3.27 2.42
CA LEU A 35 4.36 2.21 3.29
C LEU A 35 2.86 2.02 3.12
N CYS A 36 2.24 2.94 2.40
CA CYS A 36 0.80 2.87 2.17
C CYS A 36 0.47 1.87 1.07
N PHE A 37 1.20 1.95 -0.05
CA PHE A 37 1.00 1.05 -1.17
C PHE A 37 1.45 -0.36 -0.83
N TYR A 38 2.18 -0.49 0.27
CA TYR A 38 2.69 -1.78 0.71
C TYR A 38 1.64 -2.53 1.54
N LYS A 39 0.75 -1.77 2.17
CA LYS A 39 -0.31 -2.35 2.99
C LYS A 39 -1.58 -2.55 2.18
N TYR A 40 -1.64 -1.90 1.03
CA TYR A 40 -2.82 -2.00 0.16
C TYR A 40 -2.77 -3.30 -0.67
N TYR A 41 -1.59 -3.60 -1.20
CA TYR A 41 -1.42 -4.81 -2.00
C TYR A 41 -1.64 -6.06 -1.17
N LYS A 42 -1.44 -5.93 0.15
CA LYS A 42 -1.62 -7.05 1.06
C LYS A 42 -3.09 -7.19 1.47
N GLN A 43 -3.73 -6.06 1.74
CA GLN A 43 -5.13 -6.06 2.15
C GLN A 43 -6.04 -6.36 0.96
N ALA A 44 -5.57 -6.01 -0.24
CA ALA A 44 -6.35 -6.24 -1.45
C ALA A 44 -6.10 -7.64 -1.99
N THR A 45 -5.26 -8.40 -1.30
CA THR A 45 -4.94 -9.76 -1.72
C THR A 45 -5.33 -10.77 -0.64
N VAL A 46 -4.86 -10.54 0.58
CA VAL A 46 -5.16 -11.43 1.69
C VAL A 46 -6.43 -10.99 2.42
N GLY A 47 -6.37 -9.83 3.05
CA GLY A 47 -7.53 -9.31 3.76
C GLY A 47 -7.13 -8.63 5.07
N ASP A 48 -6.40 -9.35 5.91
CA ASP A 48 -5.97 -8.81 7.19
C ASP A 48 -4.59 -9.35 7.57
N CYS A 49 -3.86 -8.58 8.37
CA CYS A 49 -2.53 -8.97 8.80
C CYS A 49 -2.59 -10.16 9.75
N ASN A 50 -1.63 -11.08 9.62
CA ASN A 50 -1.58 -12.26 10.46
C ASN A 50 -0.17 -12.83 10.52
N LYS A 51 0.80 -11.97 10.80
CA LYS A 51 2.20 -12.38 10.88
C LYS A 51 2.79 -12.00 12.24
N PRO A 52 3.85 -12.71 12.64
CA PRO A 52 4.53 -12.46 13.92
C PRO A 52 5.30 -11.15 13.92
N LYS A 53 5.46 -10.57 15.10
CA LYS A 53 6.19 -9.31 15.24
C LYS A 53 7.63 -9.45 14.79
N PRO A 54 8.07 -8.54 13.92
CA PRO A 54 9.44 -8.54 13.39
C PRO A 54 10.46 -8.16 14.45
N GLY A 55 11.68 -7.83 14.01
CA GLY A 55 12.73 -7.45 14.93
C GLY A 55 12.27 -6.40 15.93
N MET A 56 13.08 -6.19 16.96
CA MET A 56 12.75 -5.21 17.99
C MET A 56 13.79 -4.08 18.01
N LEU A 57 14.59 -4.00 16.96
CA LEU A 57 15.63 -2.98 16.86
C LEU A 57 15.47 -2.18 15.58
N GLN A 58 14.51 -2.56 14.76
CA GLN A 58 14.26 -1.87 13.49
C GLN A 58 13.18 -0.81 13.65
N LEU A 59 13.16 0.14 12.73
CA LEU A 59 12.18 1.23 12.76
C LEU A 59 10.95 0.88 11.93
N GLN A 60 11.17 0.64 10.64
CA GLN A 60 10.08 0.30 9.73
C GLN A 60 9.39 -0.98 10.19
N GLU A 61 10.06 -1.75 11.03
CA GLU A 61 9.51 -3.01 11.53
C GLU A 61 8.21 -2.76 12.29
N LYS A 62 8.14 -1.65 13.02
CA LYS A 62 6.97 -1.31 13.79
C LYS A 62 5.89 -0.71 12.89
N TYR A 63 6.29 0.21 12.02
CA TYR A 63 5.37 0.86 11.10
C TYR A 63 4.80 -0.14 10.10
N LYS A 64 5.67 -0.81 9.38
CA LYS A 64 5.26 -1.80 8.39
C LYS A 64 4.33 -2.83 9.01
N TRP A 65 4.55 -3.13 10.29
CA TRP A 65 3.72 -4.11 10.99
C TRP A 65 2.47 -3.44 11.57
N GLU A 66 2.54 -2.12 11.74
CA GLU A 66 1.41 -1.38 12.29
C GLU A 66 0.41 -1.02 11.18
N ALA A 67 0.92 -0.79 9.98
CA ALA A 67 0.08 -0.45 8.84
C ALA A 67 -0.77 -1.64 8.42
N TRP A 68 -0.13 -2.76 8.16
CA TRP A 68 -0.82 -3.98 7.75
C TRP A 68 -1.80 -4.44 8.82
N ASN A 69 -1.49 -4.13 10.07
CA ASN A 69 -2.34 -4.52 11.19
C ASN A 69 -3.42 -3.47 11.43
N ALA A 70 -3.17 -2.25 10.99
CA ALA A 70 -4.12 -1.16 11.16
C ALA A 70 -5.26 -1.27 10.14
N LEU A 71 -5.02 -1.99 9.06
CA LEU A 71 -6.02 -2.18 8.02
C LEU A 71 -6.72 -3.53 8.17
N ARG A 72 -6.71 -4.06 9.38
CA ARG A 72 -7.34 -5.34 9.67
C ARG A 72 -8.85 -5.26 9.43
N GLY A 73 -9.39 -6.26 8.76
CA GLY A 73 -10.82 -6.30 8.48
C GLY A 73 -11.15 -5.66 7.14
N MET A 74 -10.24 -4.85 6.62
CA MET A 74 -10.44 -4.18 5.34
C MET A 74 -10.85 -5.18 4.26
N SER A 75 -11.56 -4.70 3.25
CA SER A 75 -12.00 -5.56 2.16
C SER A 75 -11.07 -5.45 0.96
N THR A 76 -11.39 -6.18 -0.11
CA THR A 76 -10.58 -6.17 -1.32
C THR A 76 -10.70 -4.83 -2.06
N GLU A 77 -11.94 -4.47 -2.40
CA GLU A 77 -12.20 -3.22 -3.11
C GLU A 77 -11.83 -2.02 -2.24
N SER A 78 -11.89 -2.21 -0.93
CA SER A 78 -11.57 -1.14 0.01
C SER A 78 -10.10 -0.75 -0.08
N ALA A 79 -9.25 -1.74 -0.31
CA ALA A 79 -7.81 -1.50 -0.42
C ALA A 79 -7.45 -0.97 -1.81
N LYS A 80 -7.94 -1.64 -2.85
CA LYS A 80 -7.66 -1.23 -4.22
C LYS A 80 -8.14 0.20 -4.46
N GLU A 81 -9.11 0.64 -3.67
CA GLU A 81 -9.64 1.99 -3.81
C GLU A 81 -8.70 3.01 -3.18
N ALA A 82 -7.83 2.54 -2.30
CA ALA A 82 -6.86 3.42 -1.64
C ALA A 82 -5.56 3.52 -2.44
N TYR A 83 -5.29 2.48 -3.23
CA TYR A 83 -4.08 2.46 -4.05
C TYR A 83 -4.15 3.49 -5.17
N VAL A 84 -5.36 3.86 -5.54
CA VAL A 84 -5.58 4.84 -6.61
C VAL A 84 -5.57 6.25 -6.06
N LYS A 85 -6.12 6.42 -4.86
CA LYS A 85 -6.19 7.72 -4.22
C LYS A 85 -4.86 8.06 -3.56
N LEU A 86 -4.14 7.04 -3.11
CA LEU A 86 -2.85 7.23 -2.45
C LEU A 86 -1.74 7.44 -3.48
N LEU A 87 -1.72 6.58 -4.50
CA LEU A 87 -0.71 6.66 -5.55
C LEU A 87 -0.68 8.05 -6.16
N ASP A 88 -1.80 8.77 -6.04
CA ASP A 88 -1.89 10.12 -6.57
C ASP A 88 -0.88 11.04 -5.92
N THR A 89 -0.47 10.70 -4.69
CA THR A 89 0.49 11.50 -3.95
C THR A 89 1.92 11.18 -4.39
N LEU A 90 2.11 9.98 -4.93
CA LEU A 90 3.43 9.55 -5.40
C LEU A 90 3.64 9.91 -6.86
N ALA A 91 2.73 9.44 -7.71
CA ALA A 91 2.81 9.71 -9.15
C ALA A 91 1.42 9.92 -9.73
N PRO A 92 0.89 11.15 -9.57
CA PRO A 92 -0.44 11.50 -10.09
C PRO A 92 -0.47 11.59 -11.61
N SER A 93 0.70 11.45 -12.23
CA SER A 93 0.81 11.51 -13.68
C SER A 93 0.28 10.24 -14.33
N TRP A 94 -0.08 9.27 -13.49
CA TRP A 94 -0.61 7.99 -13.97
C TRP A 94 -2.09 8.09 -14.26
N ARG A 95 -2.77 9.00 -13.56
CA ARG A 95 -4.21 9.19 -13.73
C ARG A 95 -4.48 10.23 -14.82
N ASN A 96 -3.56 11.19 -14.95
CA ASN A 96 -3.71 12.25 -15.94
C ASN A 96 -2.41 12.44 -16.72
N MET A 9 -13.92 1.39 -12.59
CA MET A 9 -13.82 1.80 -11.20
C MET A 9 -12.39 1.67 -10.70
N SER A 10 -12.04 2.48 -9.71
CA SER A 10 -10.69 2.46 -9.14
C SER A 10 -10.33 1.06 -8.67
N ALA A 11 -11.29 0.37 -8.07
CA ALA A 11 -11.07 -0.98 -7.57
C ALA A 11 -10.56 -1.89 -8.69
N ASP A 12 -10.97 -1.60 -9.91
CA ASP A 12 -10.56 -2.39 -11.07
C ASP A 12 -9.33 -1.79 -11.73
N ASP A 13 -9.14 -0.49 -11.53
CA ASP A 13 -8.00 0.22 -12.12
C ASP A 13 -6.74 0.01 -11.27
N PHE A 14 -6.91 -0.67 -10.14
CA PHE A 14 -5.79 -0.93 -9.25
C PHE A 14 -4.62 -1.56 -10.00
N ASP A 15 -4.94 -2.33 -11.04
CA ASP A 15 -3.92 -2.99 -11.84
C ASP A 15 -2.89 -1.98 -12.35
N ALA A 16 -3.36 -0.97 -13.05
CA ALA A 16 -2.48 0.07 -13.58
C ALA A 16 -1.80 0.84 -12.47
N ALA A 17 -2.32 0.72 -11.25
CA ALA A 17 -1.75 1.39 -10.10
C ALA A 17 -0.55 0.63 -9.54
N VAL A 18 -0.75 -0.66 -9.27
CA VAL A 18 0.33 -1.50 -8.73
C VAL A 18 1.48 -1.60 -9.72
N LYS A 19 1.17 -1.44 -11.00
CA LYS A 19 2.18 -1.52 -12.05
C LYS A 19 3.17 -0.36 -11.94
N TYR A 20 2.68 0.86 -12.13
CA TYR A 20 3.52 2.04 -12.05
C TYR A 20 4.33 2.05 -10.76
N VAL A 21 3.79 1.41 -9.73
CA VAL A 21 4.47 1.35 -8.44
C VAL A 21 5.48 0.20 -8.41
N SER A 22 5.16 -0.89 -9.09
CA SER A 22 6.04 -2.04 -9.14
C SER A 22 7.20 -1.81 -10.11
N ASN A 23 6.96 -0.97 -11.12
CA ASN A 23 7.97 -0.66 -12.11
C ASN A 23 8.66 0.66 -11.79
N THR A 24 8.01 1.48 -10.97
CA THR A 24 8.55 2.77 -10.58
C THR A 24 8.22 3.10 -9.13
N THR A 25 9.26 3.27 -8.31
CA THR A 25 9.06 3.59 -6.90
C THR A 25 9.99 4.72 -6.46
N THR A 26 10.69 5.31 -7.42
CA THR A 26 11.61 6.40 -7.13
C THR A 26 10.89 7.74 -7.10
N MET A 27 9.62 7.73 -7.49
CA MET A 27 8.82 8.95 -7.50
C MET A 27 8.91 9.67 -6.16
N MET A 28 8.52 10.95 -6.15
CA MET A 28 8.55 11.75 -4.94
C MET A 28 7.46 11.31 -3.97
N ALA A 29 7.84 10.49 -2.99
CA ALA A 29 6.89 9.99 -2.01
C ALA A 29 7.49 10.05 -0.60
N SER A 30 6.62 10.10 0.41
CA SER A 30 7.07 10.16 1.79
C SER A 30 7.30 8.76 2.36
N ASN A 31 8.16 8.66 3.36
CA ASN A 31 8.47 7.39 3.98
C ASN A 31 7.21 6.69 4.48
N ASP A 32 6.19 7.49 4.78
CA ASP A 32 4.92 6.97 5.28
C ASP A 32 3.98 6.64 4.11
N ASP A 33 4.16 7.35 3.00
CA ASP A 33 3.33 7.13 1.82
C ASP A 33 3.78 5.89 1.06
N LYS A 34 5.08 5.69 0.98
CA LYS A 34 5.64 4.54 0.28
C LYS A 34 5.29 3.24 1.01
N LEU A 35 4.82 3.37 2.25
CA LEU A 35 4.45 2.20 3.04
C LEU A 35 2.96 1.93 2.94
N CYS A 36 2.22 2.86 2.33
CA CYS A 36 0.78 2.72 2.17
C CYS A 36 0.46 1.70 1.08
N PHE A 37 1.16 1.80 -0.05
CA PHE A 37 0.94 0.89 -1.16
C PHE A 37 1.38 -0.52 -0.80
N TYR A 38 2.12 -0.65 0.30
CA TYR A 38 2.61 -1.95 0.75
C TYR A 38 1.52 -2.71 1.51
N LYS A 39 0.73 -1.98 2.29
CA LYS A 39 -0.35 -2.57 3.06
C LYS A 39 -1.58 -2.81 2.18
N TYR A 40 -1.69 -2.05 1.11
CA TYR A 40 -2.82 -2.17 0.19
C TYR A 40 -2.70 -3.45 -0.63
N TYR A 41 -1.48 -3.75 -1.09
CA TYR A 41 -1.24 -4.94 -1.89
C TYR A 41 -1.46 -6.21 -1.07
N LYS A 42 -1.34 -6.08 0.25
CA LYS A 42 -1.53 -7.21 1.15
C LYS A 42 -2.98 -7.30 1.61
N GLN A 43 -3.61 -6.15 1.79
CA GLN A 43 -5.00 -6.11 2.22
C GLN A 43 -5.95 -6.40 1.07
N ALA A 44 -5.51 -6.08 -0.15
CA ALA A 44 -6.32 -6.29 -1.34
C ALA A 44 -6.05 -7.67 -1.93
N THR A 45 -5.16 -8.43 -1.29
CA THR A 45 -4.81 -9.76 -1.76
C THR A 45 -5.10 -10.81 -0.69
N VAL A 46 -4.71 -10.51 0.54
CA VAL A 46 -4.93 -11.43 1.65
C VAL A 46 -6.25 -11.14 2.35
N GLY A 47 -6.35 -9.95 2.95
CA GLY A 47 -7.56 -9.57 3.65
C GLY A 47 -7.28 -9.01 5.04
N ASP A 48 -6.16 -9.43 5.63
CA ASP A 48 -5.79 -8.97 6.96
C ASP A 48 -4.36 -9.40 7.29
N CYS A 49 -3.81 -8.81 8.35
CA CYS A 49 -2.45 -9.13 8.78
C CYS A 49 -2.46 -10.18 9.89
N ASN A 50 -1.60 -11.18 9.74
CA ASN A 50 -1.51 -12.25 10.73
C ASN A 50 -0.08 -12.79 10.82
N LYS A 51 0.87 -11.89 11.05
CA LYS A 51 2.27 -12.27 11.16
C LYS A 51 2.82 -11.88 12.53
N PRO A 52 3.86 -12.61 12.98
CA PRO A 52 4.51 -12.36 14.27
C PRO A 52 5.30 -11.06 14.29
N LYS A 53 5.45 -10.49 15.47
CA LYS A 53 6.19 -9.24 15.63
C LYS A 53 7.59 -9.35 15.02
N PRO A 54 7.98 -8.31 14.27
CA PRO A 54 9.30 -8.27 13.61
C PRO A 54 10.44 -8.12 14.61
N GLY A 55 11.62 -7.75 14.11
CA GLY A 55 12.76 -7.58 14.97
C GLY A 55 12.52 -6.56 16.07
N MET A 56 13.54 -6.28 16.87
CA MET A 56 13.43 -5.32 17.96
C MET A 56 14.50 -4.24 17.86
N LEU A 57 15.14 -4.16 16.70
CA LEU A 57 16.19 -3.18 16.46
C LEU A 57 15.90 -2.33 15.23
N GLN A 58 14.78 -2.64 14.56
CA GLN A 58 14.38 -1.90 13.37
C GLN A 58 13.18 -1.02 13.66
N LEU A 59 13.13 0.14 13.01
CA LEU A 59 12.04 1.09 13.20
C LEU A 59 10.96 0.88 12.13
N GLN A 60 11.37 0.88 10.87
CA GLN A 60 10.43 0.68 9.77
C GLN A 60 9.53 -0.53 10.02
N GLU A 61 10.12 -1.61 10.52
CA GLU A 61 9.38 -2.82 10.80
C GLU A 61 8.09 -2.51 11.57
N LYS A 62 8.20 -1.63 12.55
CA LYS A 62 7.05 -1.24 13.36
C LYS A 62 5.98 -0.57 12.51
N TYR A 63 6.41 0.32 11.62
CA TYR A 63 5.48 1.02 10.73
C TYR A 63 4.88 0.07 9.71
N LYS A 64 5.62 -0.97 9.35
CA LYS A 64 5.16 -1.95 8.38
C LYS A 64 4.30 -3.01 9.05
N TRP A 65 4.48 -3.17 10.36
CA TRP A 65 3.70 -4.15 11.13
C TRP A 65 2.45 -3.52 11.71
N GLU A 66 2.51 -2.22 11.97
CA GLU A 66 1.36 -1.50 12.53
C GLU A 66 0.38 -1.12 11.43
N ALA A 67 0.91 -0.79 10.25
CA ALA A 67 0.08 -0.41 9.12
C ALA A 67 -0.75 -1.59 8.62
N TRP A 68 -0.07 -2.65 8.20
CA TRP A 68 -0.73 -3.85 7.70
C TRP A 68 -1.69 -4.41 8.74
N ASN A 69 -1.39 -4.18 10.01
CA ASN A 69 -2.24 -4.66 11.10
C ASN A 69 -3.36 -3.68 11.39
N ALA A 70 -3.16 -2.42 11.01
CA ALA A 70 -4.16 -1.39 11.23
C ALA A 70 -5.33 -1.54 10.26
N LEU A 71 -5.06 -2.14 9.10
CA LEU A 71 -6.08 -2.34 8.09
C LEU A 71 -6.65 -3.76 8.17
N ARG A 72 -6.36 -4.45 9.26
CA ARG A 72 -6.85 -5.80 9.46
C ARG A 72 -8.36 -5.87 9.33
N GLY A 73 -8.84 -6.66 8.37
CA GLY A 73 -10.27 -6.79 8.16
C GLY A 73 -10.74 -6.05 6.92
N MET A 74 -9.92 -5.12 6.43
CA MET A 74 -10.26 -4.35 5.24
C MET A 74 -10.68 -5.27 4.10
N SER A 75 -11.54 -4.76 3.23
CA SER A 75 -12.02 -5.53 2.09
C SER A 75 -11.07 -5.39 0.90
N THR A 76 -11.24 -6.27 -0.09
CA THR A 76 -10.40 -6.26 -1.27
C THR A 76 -10.60 -4.97 -2.07
N GLU A 77 -11.86 -4.54 -2.19
CA GLU A 77 -12.18 -3.33 -2.92
C GLU A 77 -11.72 -2.09 -2.16
N SER A 78 -11.77 -2.16 -0.83
CA SER A 78 -11.37 -1.04 0.01
C SER A 78 -9.89 -0.72 -0.19
N ALA A 79 -9.04 -1.73 -0.02
CA ALA A 79 -7.60 -1.54 -0.19
C ALA A 79 -7.27 -1.05 -1.59
N LYS A 80 -7.91 -1.63 -2.59
CA LYS A 80 -7.69 -1.25 -3.97
C LYS A 80 -8.04 0.22 -4.20
N GLU A 81 -9.21 0.63 -3.71
CA GLU A 81 -9.66 2.00 -3.86
C GLU A 81 -8.67 2.97 -3.22
N ALA A 82 -7.88 2.47 -2.27
CA ALA A 82 -6.90 3.29 -1.58
C ALA A 82 -5.60 3.37 -2.38
N TYR A 83 -5.34 2.34 -3.18
CA TYR A 83 -4.13 2.29 -4.00
C TYR A 83 -4.21 3.28 -5.15
N VAL A 84 -5.43 3.56 -5.60
CA VAL A 84 -5.65 4.49 -6.70
C VAL A 84 -5.64 5.93 -6.21
N LYS A 85 -6.10 6.13 -4.98
CA LYS A 85 -6.15 7.46 -4.39
C LYS A 85 -4.80 7.83 -3.75
N LEU A 86 -4.17 6.85 -3.11
CA LEU A 86 -2.89 7.06 -2.46
C LEU A 86 -1.79 7.25 -3.50
N LEU A 87 -1.76 6.38 -4.51
CA LEU A 87 -0.76 6.47 -5.56
C LEU A 87 -0.73 7.86 -6.18
N ASP A 88 -1.85 8.56 -6.08
CA ASP A 88 -1.95 9.92 -6.62
C ASP A 88 -0.93 10.85 -5.98
N THR A 89 -0.59 10.55 -4.72
CA THR A 89 0.36 11.36 -3.98
C THR A 89 1.79 10.94 -4.30
N LEU A 90 1.96 9.73 -4.80
CA LEU A 90 3.27 9.20 -5.14
C LEU A 90 3.63 9.54 -6.58
N ALA A 91 2.81 9.09 -7.52
CA ALA A 91 3.04 9.35 -8.93
C ALA A 91 1.73 9.67 -9.65
N PRO A 92 1.32 10.94 -9.60
CA PRO A 92 0.10 11.41 -10.25
C PRO A 92 0.19 11.40 -11.77
N SER A 93 1.38 11.10 -12.27
CA SER A 93 1.60 11.06 -13.71
C SER A 93 0.95 9.83 -14.33
N TRP A 94 0.44 8.95 -13.48
CA TRP A 94 -0.21 7.73 -13.94
C TRP A 94 -1.68 8.00 -14.28
N ARG A 95 -2.24 9.04 -13.66
CA ARG A 95 -3.63 9.40 -13.90
C ARG A 95 -3.74 10.58 -14.85
N ASN A 96 -2.71 11.43 -14.85
CA ASN A 96 -2.68 12.60 -15.71
C ASN A 96 -2.57 12.21 -17.18
N MET A 9 -14.05 1.25 -12.71
CA MET A 9 -14.01 1.42 -11.26
C MET A 9 -12.57 1.47 -10.76
N SER A 10 -12.36 2.22 -9.68
CA SER A 10 -11.03 2.37 -9.09
C SER A 10 -10.49 1.02 -8.62
N ALA A 11 -11.40 0.10 -8.31
CA ALA A 11 -11.03 -1.23 -7.84
C ALA A 11 -10.48 -2.07 -8.99
N ASP A 12 -10.88 -1.74 -10.21
CA ASP A 12 -10.42 -2.48 -11.38
C ASP A 12 -9.20 -1.81 -12.00
N ASP A 13 -9.08 -0.50 -11.77
CA ASP A 13 -7.95 0.27 -12.31
C ASP A 13 -6.72 0.11 -11.45
N PHE A 14 -6.87 -0.60 -10.32
CA PHE A 14 -5.76 -0.82 -9.40
C PHE A 14 -4.55 -1.38 -10.14
N ASP A 15 -4.81 -2.13 -11.20
CA ASP A 15 -3.73 -2.73 -11.99
C ASP A 15 -2.77 -1.65 -12.50
N ALA A 16 -3.32 -0.67 -13.19
CA ALA A 16 -2.51 0.42 -13.73
C ALA A 16 -1.75 1.16 -12.62
N ALA A 17 -2.25 1.02 -11.40
CA ALA A 17 -1.62 1.67 -10.25
C ALA A 17 -0.43 0.85 -9.75
N VAL A 18 -0.65 -0.45 -9.56
CA VAL A 18 0.40 -1.33 -9.08
C VAL A 18 1.56 -1.40 -10.07
N LYS A 19 1.25 -1.26 -11.35
CA LYS A 19 2.26 -1.30 -12.40
C LYS A 19 3.07 -0.01 -12.42
N TYR A 20 2.45 1.08 -11.98
CA TYR A 20 3.11 2.37 -11.95
C TYR A 20 4.01 2.50 -10.72
N VAL A 21 3.66 1.77 -9.67
CA VAL A 21 4.44 1.79 -8.44
C VAL A 21 5.47 0.68 -8.41
N SER A 22 5.15 -0.45 -9.07
CA SER A 22 6.05 -1.59 -9.12
C SER A 22 7.18 -1.34 -10.10
N ASN A 23 6.85 -0.69 -11.22
CA ASN A 23 7.84 -0.38 -12.25
C ASN A 23 8.52 0.96 -11.97
N THR A 24 7.72 1.97 -11.66
CA THR A 24 8.24 3.30 -11.38
C THR A 24 8.18 3.61 -9.88
N THR A 25 9.36 3.80 -9.28
CA THR A 25 9.45 4.10 -7.86
C THR A 25 10.38 5.28 -7.61
N THR A 26 10.86 5.89 -8.69
CA THR A 26 11.76 7.03 -8.57
C THR A 26 11.00 8.31 -8.28
N MET A 27 9.68 8.24 -8.39
CA MET A 27 8.83 9.41 -8.14
C MET A 27 9.08 9.97 -6.74
N MET A 28 8.71 11.22 -6.54
CA MET A 28 8.89 11.87 -5.24
C MET A 28 7.98 11.27 -4.18
N ALA A 29 8.53 10.37 -3.38
CA ALA A 29 7.76 9.71 -2.33
C ALA A 29 8.47 9.80 -0.98
N SER A 30 7.71 9.68 0.10
CA SER A 30 8.28 9.75 1.43
C SER A 30 8.43 8.35 2.04
N ASN A 31 9.20 8.26 3.12
CA ASN A 31 9.43 6.99 3.79
C ASN A 31 8.11 6.43 4.35
N ASP A 32 7.14 7.31 4.57
CA ASP A 32 5.86 6.90 5.10
C ASP A 32 4.91 6.52 3.97
N ASP A 33 4.85 7.35 2.94
CA ASP A 33 3.99 7.10 1.79
C ASP A 33 4.34 5.77 1.13
N LYS A 34 5.63 5.46 1.09
CA LYS A 34 6.10 4.22 0.48
C LYS A 34 5.61 3.01 1.27
N LEU A 35 5.13 3.25 2.48
CA LEU A 35 4.63 2.19 3.34
C LEU A 35 3.13 1.98 3.15
N CYS A 36 2.51 2.90 2.42
CA CYS A 36 1.08 2.83 2.16
C CYS A 36 0.77 1.80 1.07
N PHE A 37 1.50 1.88 -0.03
CA PHE A 37 1.31 0.96 -1.15
C PHE A 37 1.73 -0.45 -0.77
N TYR A 38 2.46 -0.56 0.35
CA TYR A 38 2.92 -1.86 0.83
C TYR A 38 1.82 -2.60 1.58
N LYS A 39 1.03 -1.85 2.34
CA LYS A 39 -0.06 -2.43 3.11
C LYS A 39 -1.29 -2.67 2.23
N TYR A 40 -1.37 -1.93 1.12
CA TYR A 40 -2.48 -2.07 0.20
C TYR A 40 -2.38 -3.36 -0.60
N TYR A 41 -1.17 -3.69 -1.03
CA TYR A 41 -0.92 -4.91 -1.80
C TYR A 41 -1.23 -6.15 -0.97
N LYS A 42 -1.09 -6.02 0.35
CA LYS A 42 -1.34 -7.14 1.26
C LYS A 42 -2.81 -7.18 1.66
N GLN A 43 -3.42 -6.01 1.78
CA GLN A 43 -4.83 -5.90 2.16
C GLN A 43 -5.74 -6.24 0.97
N ALA A 44 -5.25 -5.96 -0.23
CA ALA A 44 -6.02 -6.23 -1.44
C ALA A 44 -5.79 -7.66 -1.94
N THR A 45 -4.92 -8.38 -1.25
CA THR A 45 -4.61 -9.76 -1.61
C THR A 45 -5.01 -10.72 -0.51
N VAL A 46 -4.81 -10.31 0.74
CA VAL A 46 -5.16 -11.13 1.89
C VAL A 46 -6.47 -10.68 2.52
N GLY A 47 -6.49 -9.43 2.99
CA GLY A 47 -7.69 -8.89 3.61
C GLY A 47 -7.46 -8.49 5.06
N ASP A 48 -6.44 -9.07 5.68
CA ASP A 48 -6.11 -8.76 7.06
C ASP A 48 -4.68 -9.18 7.39
N CYS A 49 -4.14 -8.60 8.45
CA CYS A 49 -2.77 -8.91 8.87
C CYS A 49 -2.77 -9.97 9.98
N ASN A 50 -2.05 -11.06 9.74
CA ASN A 50 -1.97 -12.14 10.71
C ASN A 50 -0.56 -12.72 10.75
N LYS A 51 0.40 -11.90 11.17
CA LYS A 51 1.79 -12.31 11.26
C LYS A 51 2.38 -11.95 12.62
N PRO A 52 3.42 -12.70 13.04
CA PRO A 52 4.09 -12.48 14.32
C PRO A 52 4.89 -11.19 14.33
N LYS A 53 5.08 -10.63 15.53
CA LYS A 53 5.83 -9.39 15.68
C LYS A 53 7.28 -9.58 15.23
N PRO A 54 7.78 -8.60 14.45
CA PRO A 54 9.16 -8.63 13.94
C PRO A 54 10.19 -8.42 15.03
N GLY A 55 11.42 -8.12 14.64
CA GLY A 55 12.49 -7.91 15.60
C GLY A 55 12.23 -6.71 16.49
N MET A 56 13.29 -6.14 17.03
CA MET A 56 13.16 -4.97 17.91
C MET A 56 14.17 -3.89 17.52
N LEU A 57 15.36 -4.32 17.09
CA LEU A 57 16.41 -3.39 16.69
C LEU A 57 16.00 -2.63 15.43
N GLN A 58 14.90 -3.04 14.81
CA GLN A 58 14.42 -2.41 13.60
C GLN A 58 13.29 -1.43 13.91
N LEU A 59 13.31 -0.28 13.26
CA LEU A 59 12.29 0.74 13.46
C LEU A 59 11.14 0.58 12.47
N GLN A 60 11.47 0.62 11.19
CA GLN A 60 10.48 0.47 10.13
C GLN A 60 9.61 -0.77 10.37
N GLU A 61 10.22 -1.82 10.91
CA GLU A 61 9.51 -3.06 11.19
C GLU A 61 8.21 -2.78 11.96
N LYS A 62 8.26 -1.82 12.87
CA LYS A 62 7.10 -1.45 13.66
C LYS A 62 6.03 -0.80 12.80
N TYR A 63 6.46 0.13 11.94
CA TYR A 63 5.54 0.84 11.06
C TYR A 63 4.93 -0.11 10.03
N LYS A 64 5.74 -1.05 9.56
CA LYS A 64 5.27 -2.03 8.57
C LYS A 64 4.35 -3.05 9.21
N TRP A 65 4.48 -3.23 10.53
CA TRP A 65 3.65 -4.17 11.26
C TRP A 65 2.39 -3.49 11.80
N GLU A 66 2.48 -2.19 12.02
CA GLU A 66 1.35 -1.42 12.52
C GLU A 66 0.42 -0.98 11.39
N ALA A 67 1.02 -0.70 10.23
CA ALA A 67 0.24 -0.27 9.07
C ALA A 67 -0.65 -1.41 8.56
N TRP A 68 -0.04 -2.53 8.23
CA TRP A 68 -0.78 -3.69 7.72
C TRP A 68 -1.83 -4.13 8.73
N ASN A 69 -1.50 -4.03 10.01
CA ASN A 69 -2.41 -4.42 11.08
C ASN A 69 -3.47 -3.36 11.31
N ALA A 70 -3.16 -2.13 10.92
CA ALA A 70 -4.09 -1.02 11.09
C ALA A 70 -5.30 -1.17 10.16
N LEU A 71 -5.11 -1.90 9.07
CA LEU A 71 -6.17 -2.13 8.10
C LEU A 71 -6.74 -3.53 8.23
N ARG A 72 -6.43 -4.20 9.34
CA ARG A 72 -6.91 -5.55 9.58
C ARG A 72 -8.42 -5.64 9.38
N GLY A 73 -8.84 -6.57 8.52
CA GLY A 73 -10.25 -6.74 8.25
C GLY A 73 -10.67 -6.08 6.95
N MET A 74 -9.83 -5.18 6.44
CA MET A 74 -10.12 -4.47 5.21
C MET A 74 -10.49 -5.44 4.09
N SER A 75 -11.34 -4.99 3.17
CA SER A 75 -11.77 -5.82 2.06
C SER A 75 -10.80 -5.70 0.88
N THR A 76 -11.16 -6.33 -0.24
CA THR A 76 -10.33 -6.29 -1.43
C THR A 76 -10.53 -4.99 -2.21
N GLU A 77 -11.77 -4.52 -2.23
CA GLU A 77 -12.10 -3.28 -2.94
C GLU A 77 -11.55 -2.06 -2.20
N SER A 78 -11.67 -2.09 -0.87
CA SER A 78 -11.19 -0.98 -0.04
C SER A 78 -9.71 -0.73 -0.29
N ALA A 79 -8.91 -1.79 -0.20
CA ALA A 79 -7.48 -1.68 -0.41
C ALA A 79 -7.16 -1.14 -1.80
N LYS A 80 -7.85 -1.67 -2.81
CA LYS A 80 -7.65 -1.24 -4.18
C LYS A 80 -8.03 0.22 -4.36
N GLU A 81 -9.14 0.62 -3.74
CA GLU A 81 -9.61 2.00 -3.83
C GLU A 81 -8.62 2.95 -3.18
N ALA A 82 -7.73 2.41 -2.35
CA ALA A 82 -6.73 3.22 -1.67
C ALA A 82 -5.47 3.35 -2.51
N TYR A 83 -5.21 2.35 -3.33
CA TYR A 83 -4.03 2.36 -4.19
C TYR A 83 -4.18 3.36 -5.34
N VAL A 84 -5.43 3.73 -5.62
CA VAL A 84 -5.73 4.68 -6.69
C VAL A 84 -5.77 6.10 -6.16
N LYS A 85 -6.17 6.24 -4.90
CA LYS A 85 -6.26 7.56 -4.26
C LYS A 85 -4.92 7.94 -3.64
N LEU A 86 -4.25 6.97 -3.04
CA LEU A 86 -2.96 7.21 -2.40
C LEU A 86 -1.87 7.44 -3.45
N LEU A 87 -1.85 6.59 -4.48
CA LEU A 87 -0.87 6.70 -5.54
C LEU A 87 -0.87 8.10 -6.15
N ASP A 88 -1.99 8.79 -6.02
CA ASP A 88 -2.11 10.14 -6.55
C ASP A 88 -1.11 11.08 -5.89
N THR A 89 -0.58 10.67 -4.74
CA THR A 89 0.38 11.47 -4.01
C THR A 89 1.81 11.13 -4.43
N LEU A 90 2.00 9.90 -4.89
CA LEU A 90 3.32 9.44 -5.33
C LEU A 90 3.57 9.82 -6.78
N ALA A 91 2.69 9.39 -7.66
CA ALA A 91 2.81 9.68 -9.09
C ALA A 91 1.45 9.97 -9.71
N PRO A 92 1.00 11.23 -9.58
CA PRO A 92 -0.29 11.67 -10.12
C PRO A 92 -0.30 11.73 -11.64
N SER A 93 0.88 11.51 -12.24
CA SER A 93 1.01 11.54 -13.69
C SER A 93 0.38 10.29 -14.32
N TRP A 94 -0.03 9.37 -13.48
CA TRP A 94 -0.65 8.13 -13.95
C TRP A 94 -2.13 8.33 -14.24
N ARG A 95 -2.73 9.33 -13.58
CA ARG A 95 -4.14 9.62 -13.77
C ARG A 95 -4.33 10.79 -14.74
N ASN A 96 -3.31 11.64 -14.83
CA ASN A 96 -3.35 12.80 -15.71
C ASN A 96 -3.15 12.39 -17.17
N MET A 9 -15.24 0.78 -11.53
CA MET A 9 -14.62 1.36 -10.34
C MET A 9 -13.10 1.42 -10.51
N SER A 10 -12.44 2.10 -9.57
CA SER A 10 -10.98 2.24 -9.61
C SER A 10 -10.30 0.95 -9.14
N ALA A 11 -11.02 0.16 -8.35
CA ALA A 11 -10.49 -1.09 -7.83
C ALA A 11 -9.95 -1.97 -8.96
N ASP A 12 -10.65 -1.96 -10.08
CA ASP A 12 -10.24 -2.75 -11.24
C ASP A 12 -9.04 -2.13 -11.94
N ASP A 13 -8.89 -0.81 -11.79
CA ASP A 13 -7.78 -0.08 -12.39
C ASP A 13 -6.52 -0.21 -11.54
N PHE A 14 -6.64 -0.90 -10.42
CA PHE A 14 -5.51 -1.09 -9.51
C PHE A 14 -4.30 -1.63 -10.27
N ASP A 15 -4.56 -2.36 -11.35
CA ASP A 15 -3.49 -2.94 -12.15
C ASP A 15 -2.55 -1.86 -12.66
N ALA A 16 -3.11 -0.87 -13.35
CA ALA A 16 -2.31 0.24 -13.89
C ALA A 16 -1.58 0.98 -12.79
N ALA A 17 -2.10 0.87 -11.56
CA ALA A 17 -1.48 1.53 -10.41
C ALA A 17 -0.29 0.74 -9.89
N VAL A 18 -0.49 -0.57 -9.69
CA VAL A 18 0.56 -1.44 -9.19
C VAL A 18 1.74 -1.48 -10.16
N LYS A 19 1.45 -1.33 -11.44
CA LYS A 19 2.48 -1.35 -12.48
C LYS A 19 3.29 -0.05 -12.46
N TYR A 20 2.65 1.03 -12.04
CA TYR A 20 3.31 2.33 -11.97
C TYR A 20 4.17 2.45 -10.72
N VAL A 21 3.81 1.68 -9.69
CA VAL A 21 4.55 1.70 -8.44
C VAL A 21 5.60 0.59 -8.40
N SER A 22 5.29 -0.52 -9.07
CA SER A 22 6.21 -1.66 -9.12
C SER A 22 7.38 -1.37 -10.05
N ASN A 23 7.10 -0.69 -11.15
CA ASN A 23 8.12 -0.35 -12.13
C ASN A 23 8.77 0.99 -11.80
N THR A 24 7.93 1.99 -11.52
CA THR A 24 8.42 3.33 -11.20
C THR A 24 8.30 3.59 -9.69
N THR A 25 9.45 3.78 -9.04
CA THR A 25 9.48 4.05 -7.60
C THR A 25 10.41 5.20 -7.28
N THR A 26 10.93 5.85 -8.33
CA THR A 26 11.84 6.97 -8.14
C THR A 26 11.07 8.27 -7.88
N MET A 27 9.76 8.23 -8.11
CA MET A 27 8.91 9.40 -7.89
C MET A 27 9.11 9.95 -6.48
N MET A 28 8.72 11.21 -6.29
CA MET A 28 8.85 11.85 -4.98
C MET A 28 7.93 11.19 -3.96
N ALA A 29 8.49 10.29 -3.15
CA ALA A 29 7.72 9.59 -2.13
C ALA A 29 8.41 9.67 -0.77
N SER A 30 7.64 9.51 0.29
CA SER A 30 8.17 9.58 1.64
C SER A 30 8.20 8.19 2.29
N ASN A 31 8.99 8.06 3.33
CA ASN A 31 9.12 6.78 4.04
C ASN A 31 7.76 6.29 4.52
N ASP A 32 6.83 7.22 4.70
CA ASP A 32 5.49 6.89 5.16
C ASP A 32 4.58 6.53 3.98
N ASP A 33 4.60 7.37 2.97
CA ASP A 33 3.78 7.15 1.78
C ASP A 33 4.17 5.84 1.10
N LYS A 34 5.47 5.53 1.09
CA LYS A 34 5.97 4.31 0.47
C LYS A 34 5.47 3.08 1.24
N LEU A 35 4.96 3.30 2.44
CA LEU A 35 4.46 2.22 3.27
C LEU A 35 2.96 2.01 3.07
N CYS A 36 2.34 2.95 2.36
CA CYS A 36 0.91 2.88 2.09
C CYS A 36 0.61 1.86 1.00
N PHE A 37 1.35 1.95 -0.10
CA PHE A 37 1.16 1.05 -1.23
C PHE A 37 1.55 -0.38 -0.85
N TYR A 38 2.24 -0.52 0.28
CA TYR A 38 2.67 -1.83 0.75
C TYR A 38 1.56 -2.52 1.54
N LYS A 39 0.82 -1.74 2.32
CA LYS A 39 -0.27 -2.27 3.13
C LYS A 39 -1.49 -2.53 2.27
N TYR A 40 -1.58 -1.84 1.14
CA TYR A 40 -2.72 -1.99 0.23
C TYR A 40 -2.62 -3.30 -0.54
N TYR A 41 -1.43 -3.60 -1.05
CA TYR A 41 -1.20 -4.82 -1.81
C TYR A 41 -1.44 -6.05 -0.94
N LYS A 42 -1.31 -5.87 0.37
CA LYS A 42 -1.52 -6.97 1.31
C LYS A 42 -3.00 -7.13 1.65
N GLN A 43 -3.66 -6.02 1.92
CA GLN A 43 -5.08 -6.04 2.25
C GLN A 43 -5.93 -6.35 1.02
N ALA A 44 -5.39 -6.05 -0.16
CA ALA A 44 -6.08 -6.30 -1.40
C ALA A 44 -5.80 -7.70 -1.92
N THR A 45 -4.98 -8.45 -1.18
CA THR A 45 -4.62 -9.81 -1.56
C THR A 45 -5.07 -10.82 -0.51
N VAL A 46 -4.67 -10.57 0.73
CA VAL A 46 -5.02 -11.45 1.84
C VAL A 46 -6.34 -11.02 2.49
N GLY A 47 -6.33 -9.85 3.12
CA GLY A 47 -7.51 -9.34 3.77
C GLY A 47 -7.21 -8.68 5.09
N ASP A 48 -6.50 -9.40 5.96
CA ASP A 48 -6.14 -8.87 7.28
C ASP A 48 -4.77 -9.36 7.70
N CYS A 49 -4.12 -8.61 8.58
CA CYS A 49 -2.79 -8.96 9.07
C CYS A 49 -2.87 -10.15 10.04
N ASN A 50 -1.89 -11.04 9.94
CA ASN A 50 -1.84 -12.21 10.82
C ASN A 50 -0.45 -12.84 10.81
N LYS A 51 0.56 -12.01 10.97
CA LYS A 51 1.95 -12.48 10.99
C LYS A 51 2.61 -12.18 12.33
N PRO A 52 3.67 -12.94 12.65
CA PRO A 52 4.42 -12.78 13.90
C PRO A 52 5.20 -11.48 13.94
N LYS A 53 5.30 -10.89 15.14
CA LYS A 53 6.03 -9.64 15.31
C LYS A 53 7.47 -9.77 14.84
N PRO A 54 7.94 -8.77 14.08
CA PRO A 54 9.31 -8.76 13.55
C PRO A 54 10.34 -8.55 14.65
N GLY A 55 11.57 -8.20 14.24
CA GLY A 55 12.63 -7.97 15.19
C GLY A 55 12.33 -6.82 16.14
N MET A 56 13.37 -6.26 16.74
CA MET A 56 13.21 -5.14 17.66
C MET A 56 14.14 -3.99 17.30
N LEU A 57 15.35 -4.33 16.85
CA LEU A 57 16.32 -3.32 16.46
C LEU A 57 15.88 -2.58 15.21
N GLN A 58 14.80 -3.06 14.59
CA GLN A 58 14.27 -2.44 13.38
C GLN A 58 13.15 -1.46 13.72
N LEU A 59 13.15 -0.31 13.05
CA LEU A 59 12.13 0.71 13.28
C LEU A 59 10.98 0.55 12.30
N GLN A 60 11.29 0.57 11.00
CA GLN A 60 10.27 0.43 9.97
C GLN A 60 9.41 -0.81 10.23
N GLU A 61 10.02 -1.84 10.79
CA GLU A 61 9.30 -3.08 11.08
C GLU A 61 8.00 -2.79 11.82
N LYS A 62 8.05 -1.84 12.74
CA LYS A 62 6.88 -1.46 13.52
C LYS A 62 5.86 -0.73 12.66
N TYR A 63 6.35 0.14 11.78
CA TYR A 63 5.48 0.90 10.89
C TYR A 63 4.87 0.00 9.82
N LYS A 64 5.57 -1.08 9.50
CA LYS A 64 5.09 -2.02 8.49
C LYS A 64 4.20 -3.08 9.12
N TRP A 65 4.38 -3.31 10.41
CA TRP A 65 3.57 -4.31 11.13
C TRP A 65 2.34 -3.65 11.75
N GLU A 66 2.43 -2.35 12.02
CA GLU A 66 1.31 -1.62 12.61
C GLU A 66 0.28 -1.25 11.55
N ALA A 67 0.77 -0.80 10.39
CA ALA A 67 -0.10 -0.40 9.29
C ALA A 67 -0.95 -1.58 8.82
N TRP A 68 -0.28 -2.66 8.43
CA TRP A 68 -0.98 -3.86 7.96
C TRP A 68 -1.99 -4.34 8.98
N ASN A 69 -1.74 -4.03 10.25
CA ASN A 69 -2.65 -4.44 11.32
C ASN A 69 -3.75 -3.41 11.54
N ALA A 70 -3.47 -2.17 11.16
CA ALA A 70 -4.44 -1.08 11.30
C ALA A 70 -5.54 -1.21 10.27
N LEU A 71 -5.26 -1.92 9.19
CA LEU A 71 -6.24 -2.11 8.12
C LEU A 71 -6.97 -3.45 8.28
N ARG A 72 -6.96 -3.98 9.49
CA ARG A 72 -7.60 -5.25 9.78
C ARG A 72 -9.10 -5.17 9.51
N GLY A 73 -9.63 -6.11 8.74
CA GLY A 73 -11.04 -6.13 8.42
C GLY A 73 -11.34 -5.51 7.07
N MET A 74 -10.39 -4.74 6.54
CA MET A 74 -10.56 -4.10 5.25
C MET A 74 -10.91 -5.13 4.17
N SER A 75 -11.58 -4.68 3.13
CA SER A 75 -11.99 -5.55 2.04
C SER A 75 -11.02 -5.42 0.85
N THR A 76 -11.20 -6.28 -0.14
CA THR A 76 -10.36 -6.28 -1.32
C THR A 76 -10.52 -4.97 -2.10
N GLU A 77 -11.77 -4.58 -2.35
CA GLU A 77 -12.05 -3.36 -3.08
C GLU A 77 -11.62 -2.13 -2.28
N SER A 78 -11.78 -2.21 -0.97
CA SER A 78 -11.42 -1.11 -0.08
C SER A 78 -9.94 -0.75 -0.24
N ALA A 79 -9.11 -1.78 -0.34
CA ALA A 79 -7.67 -1.59 -0.49
C ALA A 79 -7.32 -1.09 -1.89
N LYS A 80 -7.82 -1.79 -2.90
CA LYS A 80 -7.57 -1.42 -4.29
C LYS A 80 -8.03 0.01 -4.56
N GLU A 81 -9.06 0.44 -3.83
CA GLU A 81 -9.60 1.79 -4.01
C GLU A 81 -8.65 2.82 -3.40
N ALA A 82 -7.81 2.38 -2.47
CA ALA A 82 -6.87 3.27 -1.81
C ALA A 82 -5.57 3.39 -2.61
N TYR A 83 -5.28 2.36 -3.40
CA TYR A 83 -4.07 2.35 -4.21
C TYR A 83 -4.19 3.31 -5.39
N VAL A 84 -5.43 3.68 -5.72
CA VAL A 84 -5.69 4.59 -6.82
C VAL A 84 -5.74 6.04 -6.33
N LYS A 85 -6.20 6.22 -5.10
CA LYS A 85 -6.29 7.55 -4.51
C LYS A 85 -4.98 7.96 -3.86
N LEU A 86 -4.33 6.99 -3.22
CA LEU A 86 -3.05 7.24 -2.55
C LEU A 86 -1.93 7.44 -3.57
N LEU A 87 -1.89 6.57 -4.58
CA LEU A 87 -0.87 6.65 -5.62
C LEU A 87 -0.84 8.05 -6.25
N ASP A 88 -1.97 8.74 -6.18
CA ASP A 88 -2.07 10.08 -6.74
C ASP A 88 -1.09 11.03 -6.06
N THR A 89 -0.66 10.66 -4.86
CA THR A 89 0.28 11.48 -4.10
C THR A 89 1.72 11.15 -4.48
N LEU A 90 1.94 9.92 -4.94
CA LEU A 90 3.27 9.48 -5.33
C LEU A 90 3.56 9.84 -6.78
N ALA A 91 2.72 9.34 -7.69
CA ALA A 91 2.88 9.61 -9.11
C ALA A 91 1.53 9.86 -9.78
N PRO A 92 1.04 11.10 -9.67
CA PRO A 92 -0.25 11.50 -10.27
C PRO A 92 -0.20 11.54 -11.79
N SER A 93 0.99 11.36 -12.34
CA SER A 93 1.17 11.37 -13.79
C SER A 93 0.58 10.12 -14.43
N TRP A 94 0.18 9.17 -13.58
CA TRP A 94 -0.41 7.92 -14.07
C TRP A 94 -1.87 8.11 -14.42
N ARG A 95 -2.52 9.09 -13.77
CA ARG A 95 -3.93 9.36 -14.02
C ARG A 95 -4.09 10.54 -14.98
N ASN A 96 -3.09 11.42 -15.00
CA ASN A 96 -3.12 12.59 -15.88
C ASN A 96 -3.14 12.17 -17.34
N MET A 9 -14.07 1.33 -12.46
CA MET A 9 -13.93 1.63 -11.04
C MET A 9 -12.47 1.56 -10.61
N SER A 10 -12.11 2.36 -9.61
CA SER A 10 -10.73 2.39 -9.13
C SER A 10 -10.32 1.03 -8.58
N ALA A 11 -11.31 0.25 -8.15
CA ALA A 11 -11.05 -1.07 -7.60
C ALA A 11 -10.52 -2.02 -8.68
N ASP A 12 -10.91 -1.77 -9.93
CA ASP A 12 -10.49 -2.60 -11.05
C ASP A 12 -9.24 -2.01 -11.71
N ASP A 13 -9.06 -0.71 -11.56
CA ASP A 13 -7.91 -0.02 -12.15
C ASP A 13 -6.67 -0.20 -11.27
N PHE A 14 -6.86 -0.82 -10.11
CA PHE A 14 -5.75 -1.04 -9.18
C PHE A 14 -4.57 -1.70 -9.90
N ASP A 15 -4.87 -2.51 -10.90
CA ASP A 15 -3.84 -3.20 -11.67
C ASP A 15 -2.86 -2.21 -12.27
N ALA A 16 -3.38 -1.12 -12.83
CA ALA A 16 -2.55 -0.09 -13.43
C ALA A 16 -1.84 0.75 -12.37
N ALA A 17 -2.25 0.57 -11.12
CA ALA A 17 -1.67 1.32 -10.02
C ALA A 17 -0.53 0.54 -9.38
N VAL A 18 -0.63 -0.78 -9.40
CA VAL A 18 0.40 -1.64 -8.84
C VAL A 18 1.61 -1.75 -9.76
N LYS A 19 1.37 -1.58 -11.06
CA LYS A 19 2.43 -1.65 -12.04
C LYS A 19 3.33 -0.43 -11.97
N TYR A 20 2.71 0.75 -11.94
CA TYR A 20 3.46 2.01 -11.87
C TYR A 20 4.28 2.09 -10.59
N VAL A 21 3.84 1.35 -9.57
CA VAL A 21 4.53 1.33 -8.29
C VAL A 21 5.52 0.19 -8.22
N SER A 22 5.19 -0.93 -8.88
CA SER A 22 6.06 -2.10 -8.88
C SER A 22 7.25 -1.89 -9.81
N ASN A 23 7.01 -1.23 -10.94
CA ASN A 23 8.06 -0.97 -11.91
C ASN A 23 8.77 0.34 -11.60
N THR A 24 7.98 1.39 -11.33
CA THR A 24 8.54 2.70 -11.03
C THR A 24 8.44 3.00 -9.53
N THR A 25 9.57 3.27 -8.90
CA THR A 25 9.60 3.57 -7.48
C THR A 25 10.61 4.67 -7.17
N THR A 26 11.07 5.36 -8.22
CA THR A 26 12.02 6.44 -8.07
C THR A 26 11.32 7.78 -7.87
N MET A 27 10.03 7.81 -8.16
CA MET A 27 9.23 9.02 -8.02
C MET A 27 9.33 9.56 -6.60
N MET A 28 8.99 10.84 -6.43
CA MET A 28 9.02 11.48 -5.11
C MET A 28 8.05 10.79 -4.16
N ALA A 29 8.59 9.90 -3.32
CA ALA A 29 7.76 9.19 -2.35
C ALA A 29 8.32 9.35 -0.94
N SER A 30 7.42 9.37 0.05
CA SER A 30 7.82 9.53 1.43
C SER A 30 7.83 8.18 2.16
N ASN A 31 8.65 8.07 3.20
CA ASN A 31 8.73 6.84 3.97
C ASN A 31 7.35 6.38 4.43
N ASP A 32 6.46 7.34 4.64
CA ASP A 32 5.09 7.04 5.07
C ASP A 32 4.21 6.70 3.89
N ASP A 33 4.42 7.41 2.77
CA ASP A 33 3.64 7.18 1.57
C ASP A 33 3.89 5.78 1.01
N LYS A 34 5.16 5.38 0.97
CA LYS A 34 5.53 4.07 0.45
C LYS A 34 4.95 2.96 1.33
N LEU A 35 4.69 3.27 2.59
CA LEU A 35 4.14 2.31 3.52
C LEU A 35 2.63 2.15 3.32
N CYS A 36 2.06 3.03 2.49
CA CYS A 36 0.63 2.98 2.20
C CYS A 36 0.32 1.94 1.14
N PHE A 37 1.04 1.99 0.03
CA PHE A 37 0.84 1.05 -1.07
C PHE A 37 1.36 -0.33 -0.69
N TYR A 38 2.12 -0.40 0.39
CA TYR A 38 2.68 -1.67 0.86
C TYR A 38 1.64 -2.47 1.63
N LYS A 39 0.70 -1.77 2.26
CA LYS A 39 -0.36 -2.41 3.03
C LYS A 39 -1.59 -2.65 2.16
N TYR A 40 -1.71 -1.88 1.09
CA TYR A 40 -2.84 -2.02 0.19
C TYR A 40 -2.75 -3.31 -0.63
N TYR A 41 -1.54 -3.61 -1.09
CA TYR A 41 -1.31 -4.82 -1.88
C TYR A 41 -1.53 -6.07 -1.04
N LYS A 42 -1.45 -5.91 0.28
CA LYS A 42 -1.63 -7.04 1.20
C LYS A 42 -3.10 -7.16 1.60
N GLN A 43 -3.76 -6.02 1.79
CA GLN A 43 -5.16 -6.00 2.17
C GLN A 43 -6.06 -6.34 0.99
N ALA A 44 -5.60 -6.01 -0.21
CA ALA A 44 -6.36 -6.28 -1.43
C ALA A 44 -6.03 -7.66 -1.98
N THR A 45 -5.15 -8.37 -1.29
CA THR A 45 -4.75 -9.71 -1.72
C THR A 45 -5.10 -10.75 -0.66
N VAL A 46 -4.65 -10.51 0.56
CA VAL A 46 -4.91 -11.43 1.67
C VAL A 46 -6.20 -11.05 2.39
N GLY A 47 -6.21 -9.88 3.01
CA GLY A 47 -7.39 -9.43 3.72
C GLY A 47 -7.05 -8.71 5.02
N ASP A 48 -6.15 -9.31 5.80
CA ASP A 48 -5.73 -8.72 7.06
C ASP A 48 -4.34 -9.20 7.46
N CYS A 49 -3.73 -8.51 8.41
CA CYS A 49 -2.39 -8.87 8.88
C CYS A 49 -2.45 -10.04 9.85
N ASN A 50 -1.57 -11.01 9.65
CA ASN A 50 -1.52 -12.20 10.50
C ASN A 50 -0.11 -12.76 10.58
N LYS A 51 0.86 -11.87 10.80
CA LYS A 51 2.26 -12.28 10.89
C LYS A 51 2.84 -11.93 12.26
N PRO A 52 3.89 -12.67 12.67
CA PRO A 52 4.55 -12.45 13.95
C PRO A 52 5.33 -11.15 14.00
N LYS A 53 5.53 -10.63 15.21
CA LYS A 53 6.26 -9.38 15.39
C LYS A 53 7.67 -9.48 14.81
N PRO A 54 8.09 -8.42 14.10
CA PRO A 54 9.42 -8.36 13.48
C PRO A 54 10.53 -8.23 14.51
N GLY A 55 11.72 -7.86 14.04
CA GLY A 55 12.85 -7.72 14.93
C GLY A 55 12.58 -6.72 16.05
N MET A 56 13.61 -6.44 16.85
CA MET A 56 13.48 -5.50 17.96
C MET A 56 14.49 -4.37 17.84
N LEU A 57 15.10 -4.25 16.67
CA LEU A 57 16.09 -3.21 16.43
C LEU A 57 15.78 -2.45 15.14
N GLN A 58 14.58 -2.64 14.62
CA GLN A 58 14.17 -1.98 13.38
C GLN A 58 13.04 -0.99 13.66
N LEU A 59 13.08 0.15 12.98
CA LEU A 59 12.06 1.18 13.14
C LEU A 59 10.91 0.96 12.17
N GLN A 60 11.23 0.90 10.88
CA GLN A 60 10.22 0.70 9.85
C GLN A 60 9.41 -0.55 10.12
N GLU A 61 9.98 -1.47 10.89
CA GLU A 61 9.31 -2.73 11.23
C GLU A 61 8.03 -2.45 12.00
N LYS A 62 8.07 -1.46 12.88
CA LYS A 62 6.90 -1.11 13.69
C LYS A 62 5.81 -0.50 12.83
N TYR A 63 6.19 0.43 11.95
CA TYR A 63 5.23 1.09 11.07
C TYR A 63 4.70 0.11 10.02
N LYS A 64 5.58 -0.76 9.54
CA LYS A 64 5.20 -1.75 8.54
C LYS A 64 4.34 -2.86 9.15
N TRP A 65 4.54 -3.09 10.45
CA TRP A 65 3.78 -4.12 11.15
C TRP A 65 2.52 -3.54 11.78
N GLU A 66 2.52 -2.23 11.96
CA GLU A 66 1.37 -1.54 12.55
C GLU A 66 0.37 -1.12 11.48
N ALA A 67 0.89 -0.80 10.29
CA ALA A 67 0.05 -0.38 9.18
C ALA A 67 -0.80 -1.54 8.67
N TRP A 68 -0.14 -2.65 8.32
CA TRP A 68 -0.83 -3.83 7.81
C TRP A 68 -1.83 -4.35 8.83
N ASN A 69 -1.57 -4.09 10.11
CA ASN A 69 -2.44 -4.52 11.18
C ASN A 69 -3.53 -3.50 11.45
N ALA A 70 -3.25 -2.24 11.14
CA ALA A 70 -4.22 -1.16 11.34
C ALA A 70 -5.38 -1.29 10.38
N LEU A 71 -5.15 -1.95 9.25
CA LEU A 71 -6.20 -2.15 8.25
C LEU A 71 -6.87 -3.49 8.41
N ARG A 72 -6.58 -4.17 9.52
CA ARG A 72 -7.17 -5.48 9.79
C ARG A 72 -8.69 -5.42 9.68
N GLY A 73 -9.23 -6.18 8.73
CA GLY A 73 -10.66 -6.20 8.52
C GLY A 73 -11.07 -5.57 7.21
N MET A 74 -10.18 -4.78 6.63
CA MET A 74 -10.45 -4.11 5.36
C MET A 74 -10.76 -5.12 4.26
N SER A 75 -11.52 -4.69 3.26
CA SER A 75 -11.89 -5.56 2.16
C SER A 75 -10.94 -5.36 0.97
N THR A 76 -11.24 -6.03 -0.14
CA THR A 76 -10.42 -5.94 -1.34
C THR A 76 -10.69 -4.64 -2.09
N GLU A 77 -11.98 -4.29 -2.22
CA GLU A 77 -12.36 -3.07 -2.91
C GLU A 77 -11.90 -1.84 -2.15
N SER A 78 -11.84 -1.95 -0.82
CA SER A 78 -11.42 -0.84 0.01
C SER A 78 -9.94 -0.52 -0.21
N ALA A 79 -9.11 -1.54 -0.17
CA ALA A 79 -7.67 -1.37 -0.38
C ALA A 79 -7.38 -0.87 -1.80
N LYS A 80 -7.95 -1.55 -2.78
CA LYS A 80 -7.75 -1.17 -4.18
C LYS A 80 -8.13 0.29 -4.41
N GLU A 81 -9.25 0.69 -3.82
CA GLU A 81 -9.73 2.07 -3.97
C GLU A 81 -8.73 3.06 -3.39
N ALA A 82 -7.82 2.55 -2.55
CA ALA A 82 -6.81 3.39 -1.93
C ALA A 82 -5.54 3.43 -2.76
N TYR A 83 -5.32 2.38 -3.55
CA TYR A 83 -4.14 2.29 -4.40
C TYR A 83 -4.23 3.26 -5.56
N VAL A 84 -5.45 3.69 -5.88
CA VAL A 84 -5.68 4.63 -6.97
C VAL A 84 -5.64 6.07 -6.48
N LYS A 85 -6.09 6.27 -5.25
CA LYS A 85 -6.11 7.61 -4.66
C LYS A 85 -4.76 7.95 -4.02
N LEU A 86 -4.21 7.00 -3.27
CA LEU A 86 -2.92 7.20 -2.62
C LEU A 86 -1.81 7.36 -3.65
N LEU A 87 -1.79 6.48 -4.64
CA LEU A 87 -0.79 6.52 -5.69
C LEU A 87 -0.72 7.90 -6.33
N ASP A 88 -1.84 8.62 -6.28
CA ASP A 88 -1.91 9.97 -6.85
C ASP A 88 -0.93 10.90 -6.16
N THR A 89 -0.58 10.58 -4.92
CA THR A 89 0.36 11.40 -4.15
C THR A 89 1.80 11.07 -4.51
N LEU A 90 2.02 9.87 -5.04
CA LEU A 90 3.35 9.43 -5.43
C LEU A 90 3.63 9.77 -6.89
N ALA A 91 2.80 9.26 -7.78
CA ALA A 91 2.95 9.52 -9.20
C ALA A 91 1.60 9.71 -9.88
N PRO A 92 1.06 10.93 -9.81
CA PRO A 92 -0.24 11.28 -10.41
C PRO A 92 -0.18 11.28 -11.93
N SER A 93 1.01 11.11 -12.48
CA SER A 93 1.20 11.10 -13.93
C SER A 93 0.66 9.81 -14.53
N TRP A 94 0.25 8.88 -13.68
CA TRP A 94 -0.30 7.61 -14.13
C TRP A 94 -1.77 7.75 -14.53
N ARG A 95 -2.45 8.70 -13.91
CA ARG A 95 -3.86 8.94 -14.20
C ARG A 95 -4.01 9.98 -15.30
N ASN A 96 -3.08 10.94 -15.35
CA ASN A 96 -3.12 11.99 -16.35
C ASN A 96 -1.75 12.19 -16.98
#